data_7R9V
#
_entry.id   7R9V
#
_cell.length_a   59.060
_cell.length_b   134.620
_cell.length_c   144.580
_cell.angle_alpha   90.000
_cell.angle_beta   90.000
_cell.angle_gamma   90.000
#
_symmetry.space_group_name_H-M   'P 21 21 21'
#
loop_
_entity.id
_entity.type
_entity.pdbx_description
1 polymer 'Phosphatidylinositol 4,5-bisphosphate 3-kinase catalytic subunit alpha isoform'
2 non-polymer N-[2-(4-{4-[2-amino-4-(difluoromethyl)pyrimidin-5-yl]-6-(morpholin-4-yl)-1,3,5-triazin-2-yl}piperazin-1-yl)-2-oxoethyl]-1-(prop-2-enoyl)piperidine-4-carboxamide
#
_entity_poly.entity_id   1
_entity_poly.type   'polypeptide(L)'
_entity_poly.pdbx_seq_one_letter_code
;AGTMVGNREEKILNREIGFAIGMPVCEFDMVKDPEVQDFRRNILNVCKEAVDLRDLNSPHSRAMYVYPPNVESSPELPKH
IYNKLDKGQIIVVIWVIVSPNNDKQKYTLKINHDCVPEQVIAEAIRKKTRSMLLSSEQLKLCVLEYQGKYILKVCGCDEY
FLEKYPLSQYKYIRSCIMLGRMPNLMLMAKESLYSQLPMDCFTMPSYSRRISTATPYMNGETSTKSLWVINSALRIKILC
ATYVNVNIRDIDKIYVRTGIYHGGEPLCDNVNTQRVPCSNPRWNEWLNYDIYIPDLPRAARLCLSICSVKGRKGAKEEHC
PLAWGNINLFDYTDTLVSGKMALNLWPVPHGLEDLLNPIGVTGSNPNKETPCLELEFDWFSSVVKFPDMSVIEEHANWSV
SREAGFSYSHAGLSNRLARDNELRENDKEQLKAISTRDPLSEITEQEKDFLWSHRHYCVTIPEILPKLLLSVKWNSRDEV
AQMYCLVKDWPPIKPEQAMELLDCNYPDPMVRGFAVRCLEKYLTDDKLSQYLIQLVQVLKYEQYLDNLLVRFLLKKALTN
QRIGHFFFWHLKSEMHNKTVSQRFGLLLESYCRACGMYLKHLNRQVEAMEKLINLTDILKQEKKDETQKVQMKFLVEQMR
RPDFMDALQGFLSPLNPAHQLGNLRLEECRIMSSAKRPLWLNWENPDIMSELLFQNNEIIFKNGDDLRQDMLTLQIIRIM
ENIWQNQGLDLRMLPYGCLSIGDCVGLIEVVRNSHTIMQIQCKGGLKGALQFNSHTLHQWLKDKNKGEIYDAAIDLFTRS
CAGYCVATFILGIGDRHNSNIMVKDDGQLFHIDFGHFLDHKKKKFGYKRERVPFVLTQDFLIVISKGAQECTKTREFERF
QEMCYKAYLAIRQHANLFINLFSMMLGSGMPELQSFDDIAYIRKTLALDKTEQEALEYFMKQMNDAHH
;
_entity_poly.pdbx_strand_id   A
#
# COMPACT_ATOMS: atom_id res chain seq x y z
N ASN A 7 9.43 6.08 -35.73
CA ASN A 7 10.49 7.06 -35.55
C ASN A 7 11.58 6.51 -34.63
N ARG A 8 12.53 7.37 -34.26
CA ARG A 8 13.65 6.98 -33.40
C ARG A 8 13.29 7.11 -31.93
N GLU A 9 12.75 8.26 -31.53
CA GLU A 9 12.30 8.44 -30.16
C GLU A 9 11.36 7.31 -29.75
N GLU A 10 10.44 6.93 -30.63
CA GLU A 10 9.50 5.86 -30.32
C GLU A 10 10.23 4.56 -30.00
N LYS A 11 11.20 4.18 -30.83
CA LYS A 11 11.89 2.92 -30.64
C LYS A 11 12.74 2.93 -29.37
N ILE A 12 13.47 4.02 -29.13
CA ILE A 12 14.30 4.10 -27.92
C ILE A 12 13.42 4.06 -26.68
N LEU A 13 12.33 4.83 -26.68
CA LEU A 13 11.40 4.80 -25.55
C LEU A 13 10.80 3.42 -25.35
N ASN A 14 10.52 2.71 -26.45
CA ASN A 14 10.01 1.36 -26.34
C ASN A 14 11.02 0.43 -25.67
N ARG A 15 12.29 0.53 -26.09
CA ARG A 15 13.32 -0.30 -25.46
C ARG A 15 13.41 -0.02 -23.97
N GLU A 16 13.44 1.27 -23.60
CA GLU A 16 13.58 1.61 -22.19
C GLU A 16 12.37 1.17 -21.38
N ILE A 17 11.16 1.35 -21.93
CA ILE A 17 9.95 0.91 -21.23
C ILE A 17 9.94 -0.60 -21.07
N GLY A 18 10.41 -1.33 -22.09
CA GLY A 18 10.48 -2.77 -21.98
C GLY A 18 11.45 -3.22 -20.90
N PHE A 19 12.61 -2.55 -20.81
CA PHE A 19 13.53 -2.88 -19.74
C PHE A 19 12.93 -2.57 -18.37
N ALA A 20 12.20 -1.46 -18.27
CA ALA A 20 11.67 -1.05 -16.97
C ALA A 20 10.56 -1.99 -16.50
N ILE A 21 9.62 -2.32 -17.40
CA ILE A 21 8.49 -3.16 -17.01
C ILE A 21 8.87 -4.63 -16.88
N GLY A 22 9.93 -5.06 -17.54
CA GLY A 22 10.31 -6.46 -17.53
C GLY A 22 10.01 -7.15 -18.85
N MET A 23 8.83 -6.86 -19.43
CA MET A 23 8.42 -7.41 -20.71
C MET A 23 8.51 -6.35 -21.79
N PRO A 24 8.73 -6.76 -23.04
CA PRO A 24 8.84 -5.79 -24.14
C PRO A 24 7.49 -5.25 -24.57
N VAL A 25 7.51 -4.02 -25.08
CA VAL A 25 6.28 -3.34 -25.46
C VAL A 25 5.56 -4.10 -26.58
N CYS A 26 6.32 -4.75 -27.46
CA CYS A 26 5.72 -5.39 -28.63
C CYS A 26 4.79 -6.54 -28.26
N GLU A 27 4.91 -7.10 -27.05
CA GLU A 27 4.00 -8.17 -26.65
C GLU A 27 2.58 -7.65 -26.45
N PHE A 28 2.43 -6.40 -26.00
CA PHE A 28 1.09 -5.82 -25.85
C PHE A 28 0.40 -5.65 -27.20
N ASP A 29 1.17 -5.36 -28.25
CA ASP A 29 0.58 -5.14 -29.57
C ASP A 29 -0.01 -6.44 -30.13
N MET A 30 0.66 -7.56 -29.92
CA MET A 30 0.21 -8.85 -30.45
C MET A 30 -0.97 -9.41 -29.69
N VAL A 31 -1.52 -8.70 -28.71
CA VAL A 31 -2.67 -9.17 -27.95
C VAL A 31 -3.92 -8.73 -28.71
N LYS A 32 -4.52 -9.67 -29.45
CA LYS A 32 -5.74 -9.39 -30.21
C LYS A 32 -6.96 -9.40 -29.30
N ASP A 33 -6.95 -8.48 -28.33
CA ASP A 33 -8.04 -8.31 -27.38
C ASP A 33 -8.58 -6.90 -27.51
N PRO A 34 -9.87 -6.71 -27.84
CA PRO A 34 -10.38 -5.34 -27.98
C PRO A 34 -10.23 -4.50 -26.72
N GLU A 35 -10.50 -5.08 -25.55
CA GLU A 35 -10.39 -4.30 -24.33
C GLU A 35 -8.96 -3.86 -24.07
N VAL A 36 -7.97 -4.67 -24.46
CA VAL A 36 -6.57 -4.33 -24.20
C VAL A 36 -6.16 -3.13 -25.06
N GLN A 37 -6.41 -3.20 -26.37
CA GLN A 37 -6.07 -2.08 -27.24
C GLN A 37 -6.87 -0.85 -26.88
N ASP A 38 -8.15 -1.02 -26.55
CA ASP A 38 -8.96 0.13 -26.17
C ASP A 38 -8.47 0.77 -24.88
N PHE A 39 -7.98 -0.04 -23.93
CA PHE A 39 -7.38 0.53 -22.73
C PHE A 39 -6.10 1.28 -23.08
N ARG A 40 -5.22 0.65 -23.86
CA ARG A 40 -3.96 1.30 -24.22
C ARG A 40 -4.21 2.64 -24.88
N ARG A 41 -5.29 2.75 -25.67
CA ARG A 41 -5.57 4.00 -26.36
C ARG A 41 -6.28 5.00 -25.44
N ASN A 42 -7.37 4.58 -24.79
CA ASN A 42 -8.17 5.49 -23.98
C ASN A 42 -7.44 5.96 -22.72
N ILE A 43 -6.42 5.23 -22.26
CA ILE A 43 -5.70 5.63 -21.06
C ILE A 43 -4.83 6.85 -21.33
N LEU A 44 -4.59 7.18 -22.59
CA LEU A 44 -3.67 8.26 -22.91
C LEU A 44 -4.26 9.63 -22.64
N ASN A 45 -5.59 9.72 -22.51
CA ASN A 45 -6.18 11.01 -22.14
C ASN A 45 -5.74 11.42 -20.73
N VAL A 46 -5.58 10.45 -19.83
CA VAL A 46 -5.09 10.74 -18.49
C VAL A 46 -3.64 11.20 -18.54
N CYS A 47 -2.81 10.52 -19.34
CA CYS A 47 -1.44 10.97 -19.52
C CYS A 47 -1.39 12.39 -20.05
N LYS A 48 -2.29 12.72 -20.99
CA LYS A 48 -2.33 14.06 -21.55
C LYS A 48 -2.73 15.08 -20.48
N GLU A 49 -3.76 14.77 -19.70
CA GLU A 49 -4.14 15.66 -18.60
C GLU A 49 -2.96 15.91 -17.67
N ALA A 50 -2.26 14.84 -17.28
CA ALA A 50 -1.14 15.00 -16.36
C ALA A 50 -0.03 15.85 -16.96
N VAL A 51 0.34 15.56 -18.22
CA VAL A 51 1.41 16.33 -18.86
C VAL A 51 1.02 17.80 -18.96
N ASP A 52 -0.23 18.08 -19.33
CA ASP A 52 -0.68 19.46 -19.43
C ASP A 52 -0.63 20.16 -18.08
N LEU A 53 -1.02 19.45 -17.02
CA LEU A 53 -0.87 20.00 -15.67
C LEU A 53 0.59 20.25 -15.35
N ARG A 54 1.50 19.49 -15.95
CA ARG A 54 2.93 19.70 -15.71
C ARG A 54 3.45 20.94 -16.44
N ASP A 55 3.06 21.12 -17.70
CA ASP A 55 3.49 22.26 -18.49
C ASP A 55 2.58 23.46 -18.35
N LEU A 56 1.66 23.44 -17.39
CA LEU A 56 0.70 24.53 -17.23
C LEU A 56 1.39 25.81 -16.80
N ASN A 57 1.96 25.82 -15.59
CA ASN A 57 2.57 27.02 -15.02
C ASN A 57 4.08 27.01 -15.21
N SER A 58 4.48 26.91 -16.48
CA SER A 58 5.85 27.19 -16.86
C SER A 58 6.79 26.27 -16.08
N PRO A 59 7.98 26.70 -15.64
CA PRO A 59 8.88 25.72 -15.01
C PRO A 59 8.50 25.35 -13.58
N HIS A 60 7.83 26.24 -12.84
CA HIS A 60 7.52 25.94 -11.44
C HIS A 60 6.62 24.72 -11.33
N SER A 61 5.70 24.54 -12.28
CA SER A 61 4.81 23.38 -12.26
C SER A 61 5.60 22.09 -12.38
N ARG A 62 6.55 22.03 -13.33
CA ARG A 62 7.40 20.85 -13.44
C ARG A 62 8.25 20.64 -12.20
N ALA A 63 8.78 21.73 -11.64
CA ALA A 63 9.60 21.60 -10.43
C ALA A 63 8.79 21.02 -9.29
N MET A 64 7.51 21.40 -9.20
CA MET A 64 6.63 20.82 -8.19
C MET A 64 6.29 19.37 -8.51
N TYR A 65 6.17 19.03 -9.79
CA TYR A 65 5.92 17.65 -10.17
C TYR A 65 7.08 16.75 -9.78
N VAL A 66 8.30 17.23 -9.94
CA VAL A 66 9.46 16.37 -9.68
C VAL A 66 9.83 16.41 -8.20
N TYR A 67 9.65 17.55 -7.54
CA TYR A 67 10.01 17.72 -6.13
C TYR A 67 8.82 18.27 -5.36
N PRO A 68 7.79 17.44 -5.18
CA PRO A 68 6.59 17.89 -4.45
C PRO A 68 6.89 18.08 -2.98
N PRO A 69 6.09 18.88 -2.28
CA PRO A 69 6.33 19.10 -0.84
C PRO A 69 5.93 17.88 -0.03
N ASN A 70 6.82 17.46 0.87
CA ASN A 70 6.54 16.37 1.81
C ASN A 70 5.98 16.99 3.07
N VAL A 71 4.66 17.17 3.10
CA VAL A 71 3.99 17.94 4.14
C VAL A 71 2.93 17.08 4.81
N GLU A 72 2.69 17.36 6.10
CA GLU A 72 1.57 16.78 6.79
C GLU A 72 0.25 17.36 6.26
N SER A 73 -0.81 16.57 6.38
CA SER A 73 -2.09 16.99 5.79
C SER A 73 -2.67 18.21 6.47
N SER A 74 -2.46 18.35 7.78
CA SER A 74 -3.02 19.48 8.51
C SER A 74 -1.92 20.38 9.04
N PRO A 75 -2.01 21.70 8.85
CA PRO A 75 -0.98 22.60 9.38
C PRO A 75 -0.99 22.71 10.89
N GLU A 76 -2.12 22.43 11.53
CA GLU A 76 -2.22 22.58 12.98
C GLU A 76 -1.32 21.58 13.70
N LEU A 77 -0.61 22.06 14.72
CA LEU A 77 0.29 21.29 15.54
C LEU A 77 -0.42 20.75 16.78
N PRO A 78 -0.19 19.49 17.14
CA PRO A 78 -0.68 19.00 18.43
C PRO A 78 -0.14 19.85 19.57
N LYS A 79 -0.81 19.77 20.71
CA LYS A 79 -0.44 20.60 21.85
C LYS A 79 1.00 20.35 22.28
N HIS A 80 1.36 19.08 22.46
CA HIS A 80 2.71 18.77 22.94
C HIS A 80 3.77 19.11 21.90
N ILE A 81 3.43 18.99 20.61
CA ILE A 81 4.39 19.37 19.57
C ILE A 81 4.62 20.88 19.58
N TYR A 82 3.55 21.65 19.78
CA TYR A 82 3.70 23.11 19.85
C TYR A 82 4.47 23.51 21.10
N ASN A 83 4.26 22.79 22.20
CA ASN A 83 4.97 23.14 23.44
C ASN A 83 6.46 22.95 23.31
N LYS A 84 6.91 22.02 22.46
CA LYS A 84 8.33 21.82 22.23
C LYS A 84 8.96 23.00 21.50
N LEU A 85 8.17 23.99 21.12
CA LEU A 85 8.65 25.18 20.45
C LEU A 85 9.00 26.26 21.45
N ASP A 86 9.99 27.07 21.11
CA ASP A 86 10.37 28.22 21.91
C ASP A 86 9.35 29.34 21.72
N LYS A 87 8.30 29.34 22.54
CA LYS A 87 7.25 30.35 22.46
C LYS A 87 6.60 30.36 21.07
N GLY A 88 6.30 29.16 20.56
CA GLY A 88 5.70 29.05 19.24
C GLY A 88 6.65 29.31 18.09
N GLN A 89 7.95 29.36 18.34
CA GLN A 89 8.94 29.60 17.31
C GLN A 89 9.90 28.42 17.21
N ILE A 90 10.64 28.37 16.12
CA ILE A 90 11.59 27.29 15.84
C ILE A 90 12.91 27.90 15.44
N ILE A 91 14.01 27.24 15.83
CA ILE A 91 15.35 27.61 15.43
C ILE A 91 15.74 26.77 14.22
N VAL A 92 16.23 27.43 13.18
CA VAL A 92 16.53 26.79 11.90
C VAL A 92 17.86 27.33 11.38
N VAL A 93 18.71 26.42 10.90
CA VAL A 93 19.98 26.77 10.31
C VAL A 93 19.82 26.73 8.79
N ILE A 94 20.10 27.85 8.12
CA ILE A 94 20.04 27.94 6.67
C ILE A 94 21.46 28.02 6.15
N TRP A 95 21.81 27.13 5.23
CA TRP A 95 23.17 27.05 4.70
C TRP A 95 23.24 27.67 3.32
N VAL A 96 24.39 28.27 3.02
CA VAL A 96 24.66 28.85 1.70
C VAL A 96 26.02 28.36 1.24
N ILE A 97 26.07 27.83 0.02
CA ILE A 97 27.33 27.48 -0.62
C ILE A 97 27.82 28.68 -1.42
N VAL A 98 29.06 29.10 -1.19
CA VAL A 98 29.64 30.27 -1.82
C VAL A 98 30.93 29.89 -2.53
N SER A 99 31.18 30.52 -3.68
CA SER A 99 32.44 30.42 -4.40
C SER A 99 32.55 29.09 -5.12
N PRO A 100 33.48 28.96 -6.08
CA PRO A 100 33.67 27.65 -6.73
C PRO A 100 34.13 26.56 -5.76
N ASN A 101 34.97 26.91 -4.79
CA ASN A 101 35.34 25.93 -3.76
C ASN A 101 34.12 25.43 -3.02
N ASN A 102 33.05 26.23 -2.97
CA ASN A 102 31.79 25.81 -2.36
C ASN A 102 31.91 25.81 -0.84
N ASP A 103 32.50 26.86 -0.30
CA ASP A 103 32.54 27.02 1.15
C ASP A 103 31.13 27.13 1.70
N LYS A 104 30.86 26.34 2.74
CA LYS A 104 29.55 26.27 3.36
C LYS A 104 29.48 27.27 4.51
N GLN A 105 28.55 28.21 4.44
CA GLN A 105 28.36 29.21 5.47
C GLN A 105 26.96 29.06 6.05
N LYS A 106 26.89 28.88 7.36
CA LYS A 106 25.61 28.71 8.05
C LYS A 106 25.10 30.05 8.56
N TYR A 107 23.79 30.16 8.66
CA TYR A 107 23.15 31.32 9.26
C TYR A 107 21.97 30.82 10.10
N THR A 108 22.04 31.06 11.40
CA THR A 108 21.03 30.56 12.32
C THR A 108 19.94 31.59 12.52
N LEU A 109 18.68 31.13 12.51
CA LEU A 109 17.53 32.00 12.64
C LEU A 109 16.58 31.41 13.67
N LYS A 110 15.81 32.29 14.30
CA LYS A 110 14.70 31.91 15.17
C LYS A 110 13.45 32.58 14.59
N ILE A 111 12.52 31.78 14.07
CA ILE A 111 11.40 32.32 13.32
C ILE A 111 10.11 31.58 13.69
N ASN A 112 8.98 32.23 13.38
CA ASN A 112 7.69 31.62 13.63
C ASN A 112 7.57 30.29 12.90
N HIS A 113 7.06 29.28 13.60
CA HIS A 113 6.93 27.95 13.00
C HIS A 113 6.01 27.98 11.79
N ASP A 114 5.07 28.93 11.75
CA ASP A 114 4.10 29.01 10.67
C ASP A 114 4.57 29.90 9.52
N CYS A 115 5.87 30.17 9.43
CA CYS A 115 6.39 31.01 8.35
C CYS A 115 6.44 30.25 7.04
N VAL A 116 6.32 31.00 5.95
CA VAL A 116 6.40 30.44 4.60
C VAL A 116 7.87 30.38 4.19
N PRO A 117 8.26 29.40 3.36
CA PRO A 117 9.66 29.37 2.90
C PRO A 117 10.13 30.68 2.32
N GLU A 118 9.25 31.47 1.72
CA GLU A 118 9.64 32.78 1.21
C GLU A 118 10.06 33.69 2.35
N GLN A 119 9.28 33.71 3.44
CA GLN A 119 9.65 34.51 4.60
C GLN A 119 10.95 34.01 5.22
N VAL A 120 11.15 32.69 5.23
CA VAL A 120 12.39 32.14 5.76
C VAL A 120 13.58 32.63 4.94
N ILE A 121 13.46 32.57 3.61
CA ILE A 121 14.54 33.04 2.74
C ILE A 121 14.78 34.53 2.95
N ALA A 122 13.70 35.30 3.14
CA ALA A 122 13.86 36.74 3.35
C ALA A 122 14.63 37.02 4.63
N GLU A 123 14.18 36.44 5.75
CA GLU A 123 14.89 36.64 7.02
C GLU A 123 16.31 36.11 6.95
N ALA A 124 16.55 35.07 6.15
CA ALA A 124 17.90 34.53 6.02
C ALA A 124 18.81 35.51 5.29
N ILE A 125 18.32 36.08 4.18
CA ILE A 125 19.11 37.11 3.48
C ILE A 125 19.36 38.30 4.40
N ARG A 126 18.35 38.65 5.21
CA ARG A 126 18.54 39.74 6.17
C ARG A 126 19.69 39.43 7.13
N LYS A 127 19.61 38.27 7.79
CA LYS A 127 20.68 37.87 8.70
C LYS A 127 22.03 37.72 8.00
N LYS A 128 22.02 37.47 6.69
CA LYS A 128 23.26 37.26 5.96
C LYS A 128 23.93 38.57 5.58
N THR A 129 23.14 39.60 5.26
CA THR A 129 23.72 40.86 4.81
C THR A 129 24.20 41.75 5.95
N ARG A 130 23.75 41.50 7.18
CA ARG A 130 24.21 42.28 8.32
C ARG A 130 25.68 42.00 8.60
N SER A 131 26.54 42.28 7.63
CA SER A 131 27.97 42.00 7.75
C SER A 131 28.75 42.66 6.62
N TYR A 146 17.77 40.22 -4.35
CA TYR A 146 17.14 38.95 -4.01
C TYR A 146 15.81 38.77 -4.74
N GLN A 147 14.78 39.44 -4.24
CA GLN A 147 13.46 39.41 -4.88
C GLN A 147 12.95 37.99 -5.04
N GLY A 148 13.15 37.17 -4.00
CA GLY A 148 12.67 35.80 -4.00
C GLY A 148 13.18 34.98 -5.16
N LYS A 149 14.49 35.09 -5.46
CA LYS A 149 15.12 34.30 -6.50
C LYS A 149 15.85 33.09 -5.93
N TYR A 150 15.34 32.52 -4.85
CA TYR A 150 15.96 31.37 -4.21
C TYR A 150 14.88 30.41 -3.74
N ILE A 151 15.31 29.19 -3.40
CA ILE A 151 14.43 28.18 -2.82
C ILE A 151 15.20 27.45 -1.74
N LEU A 152 14.46 26.73 -0.90
CA LEU A 152 15.03 26.02 0.24
C LEU A 152 15.06 24.53 -0.06
N LYS A 153 16.23 23.93 0.07
CA LYS A 153 16.43 22.50 -0.07
C LYS A 153 16.81 21.91 1.28
N VAL A 154 16.50 20.64 1.48
CA VAL A 154 16.90 19.96 2.71
C VAL A 154 18.36 19.55 2.59
N CYS A 155 19.16 19.91 3.58
CA CYS A 155 20.57 19.56 3.57
C CYS A 155 20.73 18.04 3.71
N GLY A 156 21.27 17.40 2.67
CA GLY A 156 21.58 15.99 2.71
C GLY A 156 20.74 15.12 1.79
N CYS A 157 19.72 15.66 1.14
CA CYS A 157 18.90 14.87 0.24
C CYS A 157 18.20 15.80 -0.73
N ASP A 158 17.50 15.20 -1.70
CA ASP A 158 16.84 15.95 -2.77
C ASP A 158 15.36 16.17 -2.45
N GLU A 159 15.13 16.88 -1.34
CA GLU A 159 13.81 17.36 -0.96
C GLU A 159 13.83 18.88 -0.97
N TYR A 160 12.74 19.48 -1.46
CA TYR A 160 12.69 20.92 -1.65
C TYR A 160 11.43 21.51 -1.03
N PHE A 161 11.56 22.72 -0.51
CA PHE A 161 10.44 23.46 0.07
C PHE A 161 9.95 24.50 -0.93
N LEU A 162 9.28 23.99 -1.97
CA LEU A 162 8.91 24.81 -3.11
C LEU A 162 7.56 25.50 -2.97
N GLU A 163 6.78 25.19 -1.94
CA GLU A 163 5.43 25.71 -1.81
C GLU A 163 5.30 26.58 -0.58
N LYS A 164 4.30 27.47 -0.60
CA LYS A 164 4.08 28.45 0.45
C LYS A 164 3.48 27.81 1.70
N TYR A 165 3.74 26.53 1.92
CA TYR A 165 3.30 25.88 3.14
C TYR A 165 3.91 26.58 4.35
N PRO A 166 3.26 26.49 5.51
CA PRO A 166 3.95 26.84 6.76
C PRO A 166 5.04 25.82 7.04
N LEU A 167 6.23 26.33 7.39
CA LEU A 167 7.39 25.44 7.54
C LEU A 167 7.08 24.25 8.43
N SER A 168 6.40 24.49 9.55
CA SER A 168 6.11 23.42 10.50
C SER A 168 5.30 22.29 9.87
N GLN A 169 4.58 22.56 8.78
CA GLN A 169 3.77 21.52 8.16
C GLN A 169 4.57 20.59 7.26
N TYR A 170 5.80 20.95 6.92
CA TYR A 170 6.68 20.03 6.20
C TYR A 170 7.09 18.89 7.11
N LYS A 171 6.93 17.66 6.62
CA LYS A 171 7.22 16.49 7.45
C LYS A 171 8.62 16.57 8.05
N TYR A 172 9.59 17.07 7.28
CA TYR A 172 10.94 17.21 7.82
C TYR A 172 10.97 18.14 9.02
N ILE A 173 10.26 19.27 8.92
CA ILE A 173 10.30 20.26 10.00
C ILE A 173 9.58 19.75 11.24
N ARG A 174 8.39 19.14 11.05
CA ARG A 174 7.68 18.59 12.19
C ARG A 174 8.48 17.46 12.84
N SER A 175 9.19 16.68 12.03
CA SER A 175 10.06 15.63 12.58
C SER A 175 11.20 16.24 13.39
N CYS A 176 11.84 17.29 12.87
CA CYS A 176 12.91 17.94 13.63
C CYS A 176 12.38 18.50 14.94
N ILE A 177 11.16 19.03 14.93
CA ILE A 177 10.58 19.59 16.15
C ILE A 177 10.27 18.49 17.14
N MET A 178 9.84 17.33 16.65
CA MET A 178 9.49 16.23 17.55
C MET A 178 10.75 15.58 18.13
N LEU A 179 11.81 15.49 17.34
CA LEU A 179 13.02 14.78 17.74
C LEU A 179 14.02 15.66 18.48
N GLY A 180 13.74 16.94 18.66
CA GLY A 180 14.72 17.84 19.23
C GLY A 180 15.89 18.15 18.32
N ARG A 181 15.96 17.53 17.15
CA ARG A 181 17.00 17.86 16.19
C ARG A 181 16.74 19.25 15.60
N MET A 182 17.79 19.84 15.02
CA MET A 182 17.68 21.17 14.47
C MET A 182 17.68 21.10 12.95
N PRO A 183 16.69 21.68 12.28
CA PRO A 183 16.62 21.59 10.81
C PRO A 183 17.75 22.39 10.16
N ASN A 184 18.40 21.78 9.18
CA ASN A 184 19.47 22.41 8.42
C ASN A 184 19.04 22.45 6.96
N LEU A 185 18.79 23.65 6.45
CA LEU A 185 18.37 23.84 5.07
C LEU A 185 19.43 24.59 4.29
N MET A 186 19.45 24.35 2.98
CA MET A 186 20.40 24.98 2.06
C MET A 186 19.64 25.93 1.15
N LEU A 187 20.13 27.16 1.05
CA LEU A 187 19.57 28.13 0.11
C LEU A 187 20.14 27.88 -1.27
N MET A 188 19.28 27.79 -2.28
CA MET A 188 19.71 27.42 -3.62
C MET A 188 19.01 28.28 -4.65
N ALA A 189 19.78 28.87 -5.56
CA ALA A 189 19.19 29.68 -6.61
C ALA A 189 18.18 28.87 -7.41
N LYS A 190 16.99 29.44 -7.62
CA LYS A 190 15.94 28.72 -8.33
C LYS A 190 16.40 28.34 -9.74
N GLU A 191 17.14 29.22 -10.40
CA GLU A 191 17.65 28.88 -11.72
C GLU A 191 18.58 27.68 -11.68
N SER A 192 19.34 27.51 -10.60
CA SER A 192 20.21 26.36 -10.46
C SER A 192 19.42 25.05 -10.47
N LEU A 193 18.18 25.09 -9.99
CA LEU A 193 17.32 23.90 -10.00
C LEU A 193 16.58 23.74 -11.32
N TYR A 194 16.01 24.83 -11.84
CA TYR A 194 15.29 24.75 -13.11
C TYR A 194 16.21 24.34 -14.24
N SER A 195 17.51 24.69 -14.16
CA SER A 195 18.47 24.21 -15.14
C SER A 195 18.65 22.70 -15.06
N GLN A 196 18.44 22.12 -13.88
CA GLN A 196 18.54 20.68 -13.70
C GLN A 196 17.26 19.96 -14.11
N LEU A 197 16.24 20.69 -14.58
CA LEU A 197 14.99 20.08 -14.99
C LEU A 197 14.99 19.86 -16.50
N PRO A 198 14.81 18.62 -16.96
CA PRO A 198 14.80 18.39 -18.41
C PRO A 198 13.54 18.91 -19.07
N MET A 199 13.69 19.36 -20.31
CA MET A 199 12.54 19.76 -21.10
C MET A 199 11.79 18.53 -21.57
N ASP A 200 10.89 18.02 -20.72
CA ASP A 200 10.19 16.78 -21.03
C ASP A 200 9.33 16.95 -22.29
N CYS A 201 9.25 15.88 -23.07
CA CYS A 201 8.43 15.85 -24.29
C CYS A 201 7.74 14.50 -24.36
N PHE A 202 6.51 14.44 -23.85
CA PHE A 202 5.71 13.21 -23.96
C PHE A 202 5.24 13.03 -25.40
N THR A 203 5.71 11.98 -26.05
CA THR A 203 5.36 11.68 -27.43
C THR A 203 4.20 10.68 -27.44
N MET A 204 3.12 11.05 -28.13
CA MET A 204 2.00 10.14 -28.27
C MET A 204 2.44 8.89 -29.02
N PRO A 205 2.05 7.71 -28.57
CA PRO A 205 2.56 6.46 -29.17
C PRO A 205 2.01 6.25 -30.57
N SER A 206 2.59 5.25 -31.24
CA SER A 206 2.21 4.93 -32.61
C SER A 206 0.95 4.07 -32.71
N TYR A 207 0.48 3.51 -31.60
CA TYR A 207 -0.70 2.66 -31.61
C TYR A 207 -1.99 3.42 -31.30
N SER A 208 -1.96 4.75 -31.35
CA SER A 208 -3.15 5.56 -31.20
C SER A 208 -3.74 6.02 -32.53
N ARG A 209 -2.88 6.35 -33.49
CA ARG A 209 -3.33 6.77 -34.81
C ARG A 209 -2.97 5.73 -35.87
N LYS A 225 -29.97 -1.84 -31.01
CA LYS A 225 -29.48 -2.72 -29.95
C LYS A 225 -30.54 -2.92 -28.86
N SER A 226 -30.72 -4.17 -28.46
CA SER A 226 -31.70 -4.48 -27.43
C SER A 226 -31.15 -4.15 -26.05
N LEU A 227 -32.06 -4.02 -25.08
CA LEU A 227 -31.67 -3.66 -23.72
C LEU A 227 -32.22 -4.66 -22.71
N TRP A 228 -32.91 -4.16 -21.69
CA TRP A 228 -33.56 -4.99 -20.69
C TRP A 228 -34.83 -5.66 -21.22
N VAL A 229 -35.05 -5.62 -22.53
CA VAL A 229 -36.24 -6.19 -23.15
C VAL A 229 -36.25 -7.71 -23.13
N ILE A 230 -35.14 -8.34 -22.79
CA ILE A 230 -35.02 -9.80 -22.95
C ILE A 230 -36.07 -10.50 -22.10
N ASN A 231 -36.07 -10.23 -20.80
CA ASN A 231 -37.02 -10.82 -19.86
C ASN A 231 -37.04 -12.34 -20.01
N SER A 232 -35.90 -12.95 -19.66
CA SER A 232 -35.75 -14.39 -19.74
C SER A 232 -34.81 -14.86 -18.64
N ALA A 233 -34.81 -16.17 -18.41
CA ALA A 233 -33.92 -16.77 -17.44
C ALA A 233 -32.57 -17.09 -18.08
N LEU A 234 -31.50 -16.87 -17.32
CA LEU A 234 -30.16 -17.07 -17.84
C LEU A 234 -29.81 -18.56 -17.87
N ARG A 235 -29.27 -19.02 -19.00
CA ARG A 235 -28.81 -20.39 -19.15
C ARG A 235 -27.55 -20.39 -19.98
N ILE A 236 -26.62 -21.26 -19.60
CA ILE A 236 -25.31 -21.35 -20.26
C ILE A 236 -25.02 -22.80 -20.60
N LYS A 237 -24.49 -23.03 -21.80
CA LYS A 237 -24.11 -24.37 -22.22
C LYS A 237 -22.63 -24.58 -21.97
N ILE A 238 -22.30 -25.57 -21.15
CA ILE A 238 -20.93 -26.03 -21.00
C ILE A 238 -20.66 -27.06 -22.10
N LEU A 239 -19.71 -26.75 -22.97
CA LEU A 239 -19.47 -27.53 -24.19
C LEU A 239 -18.49 -28.67 -23.92
N CYS A 240 -17.21 -28.35 -23.86
CA CYS A 240 -16.19 -29.37 -23.63
C CYS A 240 -14.96 -28.70 -23.03
N ALA A 241 -14.06 -29.53 -22.50
CA ALA A 241 -12.84 -29.07 -21.87
C ALA A 241 -11.64 -29.82 -22.45
N THR A 242 -10.54 -29.10 -22.64
CA THR A 242 -9.30 -29.66 -23.14
C THR A 242 -8.19 -29.42 -22.12
N TYR A 243 -7.08 -30.11 -22.33
CA TYR A 243 -5.92 -30.01 -21.43
C TYR A 243 -6.31 -30.34 -19.99
N VAL A 244 -6.96 -31.50 -19.83
CA VAL A 244 -7.40 -31.98 -18.53
C VAL A 244 -6.64 -33.25 -18.19
N ASN A 245 -5.95 -33.25 -17.06
CA ASN A 245 -5.18 -34.42 -16.63
C ASN A 245 -5.18 -34.54 -15.11
N ILE A 254 -15.50 -36.79 -13.03
CA ILE A 254 -15.36 -35.39 -12.68
C ILE A 254 -16.53 -34.59 -13.24
N TYR A 255 -16.76 -33.41 -12.67
CA TYR A 255 -17.86 -32.56 -13.10
C TYR A 255 -17.39 -31.11 -13.10
N VAL A 256 -18.28 -30.21 -13.55
CA VAL A 256 -18.03 -28.78 -13.59
C VAL A 256 -19.04 -28.11 -12.67
N ARG A 257 -18.54 -27.36 -11.69
CA ARG A 257 -19.37 -26.61 -10.77
C ARG A 257 -19.39 -25.15 -11.20
N THR A 258 -20.58 -24.57 -11.27
CA THR A 258 -20.76 -23.20 -11.74
C THR A 258 -21.66 -22.43 -10.79
N GLY A 259 -21.56 -21.10 -10.88
CA GLY A 259 -22.40 -20.23 -10.08
C GLY A 259 -22.39 -18.82 -10.63
N ILE A 260 -23.42 -18.07 -10.28
CA ILE A 260 -23.53 -16.66 -10.62
C ILE A 260 -23.30 -15.85 -9.35
N TYR A 261 -22.40 -14.87 -9.42
CA TYR A 261 -21.99 -14.13 -8.24
C TYR A 261 -21.96 -12.64 -8.54
N HIS A 262 -22.20 -11.85 -7.50
CA HIS A 262 -21.99 -10.40 -7.50
C HIS A 262 -20.95 -10.13 -6.43
N GLY A 263 -19.68 -10.00 -6.84
CA GLY A 263 -18.60 -9.90 -5.88
C GLY A 263 -18.36 -11.23 -5.19
N GLY A 264 -18.69 -11.31 -3.91
CA GLY A 264 -18.52 -12.53 -3.17
C GLY A 264 -19.83 -13.25 -2.89
N GLU A 265 -20.95 -12.58 -3.15
CA GLU A 265 -22.24 -13.18 -2.85
C GLU A 265 -22.85 -13.83 -4.09
N PRO A 266 -23.42 -15.02 -3.96
CA PRO A 266 -24.05 -15.68 -5.11
C PRO A 266 -25.45 -15.15 -5.34
N LEU A 267 -25.74 -14.78 -6.59
CA LEU A 267 -27.06 -14.29 -6.96
C LEU A 267 -28.09 -15.41 -7.05
N CYS A 268 -27.68 -16.67 -6.94
CA CYS A 268 -28.58 -17.81 -6.95
C CYS A 268 -27.79 -19.02 -6.49
N ASP A 269 -28.47 -20.18 -6.46
CA ASP A 269 -27.82 -21.41 -6.03
C ASP A 269 -26.85 -21.91 -7.10
N ASN A 270 -25.83 -22.64 -6.65
CA ASN A 270 -24.84 -23.19 -7.56
C ASN A 270 -25.41 -24.39 -8.31
N VAL A 271 -24.89 -24.61 -9.51
CA VAL A 271 -25.39 -25.65 -10.41
C VAL A 271 -24.23 -26.60 -10.74
N ASN A 272 -24.40 -27.87 -10.42
CA ASN A 272 -23.45 -28.91 -10.81
C ASN A 272 -23.91 -29.57 -12.09
N THR A 273 -22.97 -29.76 -13.02
CA THR A 273 -23.28 -30.45 -14.26
C THR A 273 -23.23 -31.96 -14.06
N GLN A 274 -23.50 -32.69 -15.13
CA GLN A 274 -23.51 -34.15 -15.05
C GLN A 274 -22.10 -34.68 -14.84
N ARG A 275 -21.93 -35.53 -13.82
CA ARG A 275 -20.64 -36.15 -13.59
C ARG A 275 -20.24 -37.00 -14.79
N VAL A 276 -19.13 -36.64 -15.43
CA VAL A 276 -18.70 -37.30 -16.66
C VAL A 276 -17.30 -37.86 -16.48
N PRO A 277 -17.00 -39.01 -17.09
CA PRO A 277 -15.65 -39.57 -16.97
C PRO A 277 -14.61 -38.62 -17.54
N CYS A 278 -13.44 -38.57 -16.88
CA CYS A 278 -12.37 -37.68 -17.30
C CYS A 278 -11.76 -38.09 -18.64
N SER A 279 -12.02 -39.31 -19.11
CA SER A 279 -11.49 -39.72 -20.41
C SER A 279 -12.11 -38.91 -21.54
N ASN A 280 -13.42 -38.64 -21.46
CA ASN A 280 -14.15 -37.89 -22.48
C ASN A 280 -14.77 -36.68 -21.81
N PRO A 281 -14.02 -35.58 -21.68
CA PRO A 281 -14.53 -34.37 -21.02
C PRO A 281 -15.50 -33.59 -21.91
N ARG A 282 -16.63 -34.23 -22.24
CA ARG A 282 -17.64 -33.65 -23.11
C ARG A 282 -18.97 -33.65 -22.37
N TRP A 283 -19.42 -32.46 -21.97
CA TRP A 283 -20.72 -32.30 -21.32
C TRP A 283 -21.81 -31.86 -22.31
N ASN A 284 -21.56 -30.78 -23.05
CA ASN A 284 -22.57 -30.20 -23.94
C ASN A 284 -23.87 -29.95 -23.19
N GLU A 285 -23.78 -29.69 -21.89
CA GLU A 285 -24.96 -29.59 -21.05
C GLU A 285 -25.43 -28.15 -20.95
N TRP A 286 -26.71 -27.98 -20.64
CA TRP A 286 -27.32 -26.66 -20.47
C TRP A 286 -27.66 -26.45 -19.00
N LEU A 287 -27.19 -25.34 -18.45
CA LEU A 287 -27.37 -25.01 -17.05
C LEU A 287 -28.31 -23.81 -16.94
N ASN A 288 -29.39 -23.98 -16.19
CA ASN A 288 -30.39 -22.94 -16.00
C ASN A 288 -30.36 -22.46 -14.56
N TYR A 289 -30.46 -21.15 -14.37
CA TYR A 289 -30.31 -20.53 -13.06
C TYR A 289 -31.58 -19.79 -12.67
N ASP A 290 -31.81 -19.68 -11.37
CA ASP A 290 -32.98 -18.99 -10.82
C ASP A 290 -32.75 -17.48 -10.85
N ILE A 291 -32.55 -16.94 -12.06
CA ILE A 291 -32.23 -15.53 -12.26
C ILE A 291 -32.84 -15.10 -13.57
N TYR A 292 -33.69 -14.07 -13.53
CA TYR A 292 -34.14 -13.43 -14.75
C TYR A 292 -33.00 -12.60 -15.35
N ILE A 293 -32.92 -12.60 -16.68
CA ILE A 293 -31.78 -11.96 -17.35
C ILE A 293 -31.67 -10.48 -17.00
N PRO A 294 -32.70 -9.66 -17.17
CA PRO A 294 -32.59 -8.24 -16.78
C PRO A 294 -32.37 -8.02 -15.29
N ASP A 295 -32.58 -9.04 -14.45
CA ASP A 295 -32.30 -8.92 -13.02
C ASP A 295 -30.82 -9.01 -12.70
N LEU A 296 -29.98 -9.29 -13.68
CA LEU A 296 -28.54 -9.37 -13.43
C LEU A 296 -27.98 -7.98 -13.17
N PRO A 297 -27.28 -7.76 -12.06
CA PRO A 297 -26.63 -6.47 -11.83
C PRO A 297 -25.52 -6.24 -12.85
N ARG A 298 -25.02 -5.00 -12.88
CA ARG A 298 -24.03 -4.63 -13.88
C ARG A 298 -22.76 -5.45 -13.73
N ALA A 299 -22.35 -5.74 -12.49
CA ALA A 299 -21.11 -6.45 -12.22
C ALA A 299 -21.31 -7.94 -11.98
N ALA A 300 -22.30 -8.54 -12.63
CA ALA A 300 -22.53 -9.97 -12.48
C ALA A 300 -21.39 -10.75 -13.10
N ARG A 301 -21.03 -11.88 -12.48
CA ARG A 301 -19.91 -12.67 -12.93
C ARG A 301 -20.26 -14.16 -12.86
N LEU A 302 -19.81 -14.90 -13.86
CA LEU A 302 -19.91 -16.35 -13.86
C LEU A 302 -18.64 -16.95 -13.28
N CYS A 303 -18.78 -17.79 -12.26
CA CYS A 303 -17.65 -18.43 -11.60
C CYS A 303 -17.77 -19.93 -11.78
N LEU A 304 -16.74 -20.55 -12.37
CA LEU A 304 -16.78 -21.97 -12.63
C LEU A 304 -15.48 -22.62 -12.17
N SER A 305 -15.56 -23.93 -11.95
CA SER A 305 -14.39 -24.73 -11.59
C SER A 305 -14.66 -26.17 -12.00
N ILE A 306 -13.59 -26.96 -12.09
CA ILE A 306 -13.68 -28.38 -12.42
C ILE A 306 -13.35 -29.17 -11.17
N CYS A 307 -14.28 -30.00 -10.74
CA CYS A 307 -14.14 -30.79 -9.52
C CYS A 307 -14.08 -32.27 -9.85
N SER A 308 -13.45 -33.03 -8.96
CA SER A 308 -13.33 -34.47 -9.07
C SER A 308 -14.00 -35.13 -7.88
N VAL A 309 -14.12 -36.46 -7.94
CA VAL A 309 -14.74 -37.24 -6.88
C VAL A 309 -14.00 -38.55 -6.74
N LYS A 310 -13.93 -39.05 -5.51
CA LYS A 310 -13.25 -40.31 -5.22
C LYS A 310 -14.19 -41.48 -5.40
N GLU A 317 -18.24 -38.23 -2.79
CA GLU A 317 -17.52 -38.60 -1.58
C GLU A 317 -16.50 -37.53 -1.20
N GLU A 318 -15.40 -37.47 -1.96
CA GLU A 318 -14.31 -36.52 -1.73
C GLU A 318 -14.24 -35.58 -2.92
N HIS A 319 -14.92 -34.45 -2.82
CA HIS A 319 -14.91 -33.44 -3.88
C HIS A 319 -13.67 -32.56 -3.73
N CYS A 320 -12.96 -32.34 -4.83
CA CYS A 320 -11.75 -31.54 -4.82
C CYS A 320 -11.67 -30.70 -6.09
N PRO A 321 -11.46 -29.39 -5.97
CA PRO A 321 -11.30 -28.56 -7.16
C PRO A 321 -10.01 -28.89 -7.89
N LEU A 322 -9.99 -28.56 -9.19
CA LEU A 322 -8.83 -28.82 -10.03
C LEU A 322 -8.36 -27.56 -10.75
N ALA A 323 -9.28 -26.85 -11.41
CA ALA A 323 -8.95 -25.60 -12.10
C ALA A 323 -10.17 -24.71 -12.11
N TRP A 324 -9.95 -23.42 -11.88
CA TRP A 324 -11.02 -22.45 -11.69
C TRP A 324 -10.96 -21.37 -12.75
N GLY A 325 -12.05 -20.60 -12.85
CA GLY A 325 -12.14 -19.50 -13.80
C GLY A 325 -13.32 -18.59 -13.53
N ASN A 326 -13.21 -17.33 -13.96
CA ASN A 326 -14.26 -16.34 -13.76
C ASN A 326 -14.41 -15.50 -15.02
N ILE A 327 -15.66 -15.20 -15.38
CA ILE A 327 -15.98 -14.49 -16.61
C ILE A 327 -16.93 -13.34 -16.28
N ASN A 328 -16.74 -12.20 -16.95
CA ASN A 328 -17.65 -11.08 -16.83
C ASN A 328 -18.83 -11.31 -17.77
N LEU A 329 -20.05 -11.35 -17.22
CA LEU A 329 -21.23 -11.50 -18.06
C LEU A 329 -21.36 -10.34 -19.03
N PHE A 330 -20.96 -9.14 -18.61
CA PHE A 330 -20.93 -7.97 -19.47
C PHE A 330 -19.48 -7.58 -19.73
N ASP A 331 -19.18 -7.23 -20.97
CA ASP A 331 -17.83 -6.81 -21.35
C ASP A 331 -17.65 -5.33 -20.98
N TYR A 332 -16.51 -4.75 -21.36
CA TYR A 332 -16.21 -3.38 -21.00
C TYR A 332 -17.04 -2.37 -21.77
N THR A 333 -17.71 -2.78 -22.85
CA THR A 333 -18.59 -1.91 -23.62
C THR A 333 -20.05 -2.02 -23.20
N ASP A 334 -20.32 -2.63 -22.05
CA ASP A 334 -21.66 -2.85 -21.50
C ASP A 334 -22.42 -3.93 -22.27
N THR A 335 -21.82 -4.53 -23.30
CA THR A 335 -22.50 -5.57 -24.06
C THR A 335 -22.59 -6.85 -23.26
N LEU A 336 -23.73 -7.53 -23.35
CA LEU A 336 -23.92 -8.82 -22.72
C LEU A 336 -23.35 -9.91 -23.63
N VAL A 337 -22.39 -10.68 -23.11
CA VAL A 337 -21.68 -11.65 -23.94
C VAL A 337 -22.64 -12.71 -24.45
N SER A 338 -22.38 -13.20 -25.66
CA SER A 338 -23.20 -14.23 -26.28
C SER A 338 -22.33 -15.09 -27.19
N GLY A 339 -22.78 -16.32 -27.43
CA GLY A 339 -22.07 -17.20 -28.34
C GLY A 339 -21.02 -18.05 -27.65
N LYS A 340 -20.13 -18.61 -28.46
CA LYS A 340 -19.09 -19.49 -27.95
C LYS A 340 -17.95 -18.70 -27.33
N MET A 341 -17.28 -19.32 -26.36
CA MET A 341 -16.20 -18.64 -25.64
C MET A 341 -15.26 -19.69 -25.06
N ALA A 342 -13.96 -19.50 -25.26
CA ALA A 342 -12.94 -20.40 -24.72
C ALA A 342 -12.25 -19.70 -23.56
N LEU A 343 -12.26 -20.34 -22.39
CA LEU A 343 -11.65 -19.79 -21.18
C LEU A 343 -10.62 -20.77 -20.65
N ASN A 344 -9.36 -20.34 -20.60
CA ASN A 344 -8.31 -21.15 -20.00
C ASN A 344 -8.30 -20.92 -18.49
N LEU A 345 -8.28 -22.01 -17.73
CA LEU A 345 -8.45 -21.92 -16.28
C LEU A 345 -7.11 -21.73 -15.58
N TRP A 346 -7.18 -21.53 -14.26
CA TRP A 346 -6.03 -21.27 -13.42
C TRP A 346 -5.84 -22.40 -12.41
N PRO A 347 -4.61 -22.65 -11.97
CA PRO A 347 -4.39 -23.58 -10.86
C PRO A 347 -5.01 -23.03 -9.58
N VAL A 348 -5.33 -23.94 -8.66
CA VAL A 348 -6.02 -23.58 -7.43
C VAL A 348 -5.04 -22.97 -6.44
N PRO A 349 -5.43 -21.92 -5.72
CA PRO A 349 -4.61 -21.42 -4.63
C PRO A 349 -4.72 -22.31 -3.40
N HIS A 350 -3.71 -22.20 -2.54
CA HIS A 350 -3.66 -23.04 -1.35
C HIS A 350 -4.79 -22.69 -0.37
N GLY A 351 -5.31 -23.71 0.29
CA GLY A 351 -6.31 -23.54 1.33
C GLY A 351 -7.62 -22.95 0.85
N LEU A 352 -8.16 -23.47 -0.25
CA LEU A 352 -9.45 -23.04 -0.77
C LEU A 352 -10.55 -23.83 -0.06
N GLU A 353 -11.45 -23.11 0.61
CA GLU A 353 -12.49 -23.78 1.39
C GLU A 353 -13.52 -24.45 0.50
N ASP A 354 -14.13 -23.68 -0.40
CA ASP A 354 -15.19 -24.19 -1.26
C ASP A 354 -14.62 -24.72 -2.56
N LEU A 355 -15.49 -25.25 -3.42
CA LEU A 355 -15.12 -25.74 -4.74
C LEU A 355 -15.11 -24.62 -5.78
N LEU A 356 -15.13 -23.36 -5.35
CA LEU A 356 -15.15 -22.21 -6.24
C LEU A 356 -14.27 -21.11 -5.68
N ASN A 357 -13.66 -20.34 -6.59
CA ASN A 357 -12.83 -19.20 -6.23
C ASN A 357 -13.42 -17.94 -6.85
N PRO A 358 -14.46 -17.36 -6.25
CA PRO A 358 -15.09 -16.18 -6.87
C PRO A 358 -14.23 -14.95 -6.77
N ILE A 359 -13.41 -14.86 -5.72
CA ILE A 359 -12.76 -13.61 -5.35
C ILE A 359 -11.52 -13.53 -6.24
N GLY A 360 -11.28 -14.60 -7.01
CA GLY A 360 -10.17 -14.65 -7.92
C GLY A 360 -10.30 -13.71 -9.12
N VAL A 361 -9.14 -13.41 -9.71
CA VAL A 361 -9.13 -12.50 -10.85
C VAL A 361 -10.00 -13.07 -11.97
N THR A 362 -10.40 -12.19 -12.88
CA THR A 362 -11.23 -12.55 -14.02
C THR A 362 -10.44 -12.43 -15.31
N GLY A 363 -10.68 -13.36 -16.23
CA GLY A 363 -9.98 -13.38 -17.51
C GLY A 363 -9.32 -14.71 -17.82
N SER A 364 -9.01 -14.94 -19.08
CA SER A 364 -8.40 -16.20 -19.50
C SER A 364 -6.94 -16.24 -19.09
N ASN A 365 -6.47 -17.43 -18.73
CA ASN A 365 -5.09 -17.61 -18.33
C ASN A 365 -4.17 -17.26 -19.50
N PRO A 366 -3.15 -16.42 -19.30
CA PRO A 366 -2.22 -16.15 -20.40
C PRO A 366 -1.57 -17.41 -20.95
N ASN A 367 -1.19 -18.34 -20.07
CA ASN A 367 -0.64 -19.62 -20.49
C ASN A 367 -1.76 -20.46 -21.08
N LYS A 368 -1.88 -20.43 -22.41
CA LYS A 368 -2.95 -21.16 -23.09
C LYS A 368 -2.81 -22.68 -22.99
N GLU A 369 -1.64 -23.18 -22.57
CA GLU A 369 -1.42 -24.61 -22.43
C GLU A 369 -1.91 -25.08 -21.05
N THR A 370 -3.15 -24.73 -20.74
CA THR A 370 -3.79 -25.06 -19.48
C THR A 370 -5.19 -25.56 -19.75
N PRO A 371 -5.89 -26.02 -18.72
CA PRO A 371 -7.28 -26.46 -18.90
C PRO A 371 -8.10 -25.38 -19.59
N CYS A 372 -8.74 -25.76 -20.69
CA CYS A 372 -9.52 -24.83 -21.51
C CYS A 372 -10.95 -25.32 -21.58
N LEU A 373 -11.89 -24.49 -21.15
CA LEU A 373 -13.30 -24.82 -21.12
C LEU A 373 -14.03 -24.01 -22.18
N GLU A 374 -14.86 -24.69 -22.98
CA GLU A 374 -15.65 -24.06 -24.03
C GLU A 374 -17.08 -23.87 -23.54
N LEU A 375 -17.63 -22.69 -23.79
CA LEU A 375 -18.93 -22.30 -23.29
C LEU A 375 -19.76 -21.68 -24.41
N GLU A 376 -21.08 -21.65 -24.18
CA GLU A 376 -22.04 -21.06 -25.10
C GLU A 376 -23.03 -20.23 -24.31
N PHE A 377 -23.20 -18.97 -24.72
CA PHE A 377 -24.17 -18.06 -24.16
C PHE A 377 -25.30 -17.81 -25.15
N ASP A 378 -26.52 -17.66 -24.62
CA ASP A 378 -27.67 -17.38 -25.46
C ASP A 378 -27.44 -16.14 -26.30
N TRP A 379 -27.88 -16.20 -27.56
CA TRP A 379 -27.84 -15.06 -28.48
C TRP A 379 -29.27 -14.76 -28.91
N PHE A 380 -29.70 -13.51 -28.69
CA PHE A 380 -31.08 -13.12 -28.88
C PHE A 380 -31.22 -12.28 -30.16
N SER A 381 -32.27 -11.46 -30.21
CA SER A 381 -32.57 -10.69 -31.42
C SER A 381 -31.34 -9.90 -31.88
N SER A 382 -30.89 -8.96 -31.06
CA SER A 382 -29.72 -8.15 -31.41
C SER A 382 -28.68 -8.22 -30.31
N VAL A 383 -27.68 -7.34 -30.37
CA VAL A 383 -26.65 -7.28 -29.35
C VAL A 383 -27.22 -6.62 -28.10
N VAL A 384 -27.16 -7.33 -26.98
CA VAL A 384 -27.72 -6.87 -25.72
C VAL A 384 -26.70 -5.99 -25.00
N LYS A 385 -27.17 -4.85 -24.51
CA LYS A 385 -26.35 -3.92 -23.74
C LYS A 385 -27.00 -3.67 -22.38
N PHE A 386 -26.19 -3.23 -21.43
CA PHE A 386 -26.76 -2.83 -20.15
C PHE A 386 -27.38 -1.45 -20.28
N PRO A 387 -28.56 -1.23 -19.69
CA PRO A 387 -29.31 0.01 -19.95
C PRO A 387 -28.51 1.23 -19.53
N ASP A 388 -28.83 2.35 -20.18
CA ASP A 388 -28.24 3.63 -19.81
C ASP A 388 -28.82 4.12 -18.48
N MET A 389 -28.05 4.98 -17.81
CA MET A 389 -28.50 5.52 -16.53
C MET A 389 -29.83 6.23 -16.65
N SER A 390 -30.20 6.70 -17.84
CA SER A 390 -31.50 7.35 -18.03
C SER A 390 -32.63 6.34 -17.90
N VAL A 391 -32.52 5.21 -18.60
CA VAL A 391 -33.51 4.14 -18.45
C VAL A 391 -33.52 3.64 -17.01
N ILE A 392 -32.35 3.61 -16.36
CA ILE A 392 -32.28 3.19 -14.97
C ILE A 392 -33.11 4.13 -14.09
N GLU A 393 -32.95 5.44 -14.30
CA GLU A 393 -33.71 6.40 -13.51
C GLU A 393 -35.19 6.31 -13.80
N GLU A 394 -35.56 6.09 -15.07
CA GLU A 394 -36.97 5.96 -15.41
C GLU A 394 -37.60 4.75 -14.71
N HIS A 395 -36.93 3.59 -14.79
CA HIS A 395 -37.43 2.39 -14.14
C HIS A 395 -37.37 2.50 -12.62
N ALA A 396 -36.49 3.35 -12.08
CA ALA A 396 -36.45 3.55 -10.64
C ALA A 396 -37.63 4.42 -10.18
N ASN A 397 -37.93 5.48 -10.91
CA ASN A 397 -39.10 6.29 -10.60
C ASN A 397 -40.38 5.49 -10.77
N TRP A 398 -40.42 4.61 -11.78
CA TRP A 398 -41.59 3.76 -11.97
C TRP A 398 -41.77 2.80 -10.80
N SER A 399 -40.72 2.08 -10.44
CA SER A 399 -40.77 1.13 -9.34
C SER A 399 -41.04 1.83 -8.00
N LEU A 423 -40.26 4.92 10.92
CA LEU A 423 -39.84 6.32 11.02
C LEU A 423 -40.09 6.86 12.42
N ARG A 424 -39.38 6.30 13.41
CA ARG A 424 -39.49 6.71 14.79
C ARG A 424 -38.13 7.08 15.34
N GLU A 425 -38.12 7.89 16.39
CA GLU A 425 -36.86 8.33 16.99
C GLU A 425 -36.02 7.14 17.43
N ASN A 426 -36.64 6.18 18.10
CA ASN A 426 -35.91 4.97 18.50
C ASN A 426 -35.33 4.26 17.29
N ASP A 427 -36.09 4.20 16.18
CA ASP A 427 -35.60 3.53 14.99
C ASP A 427 -34.45 4.30 14.35
N LYS A 428 -34.52 5.62 14.34
CA LYS A 428 -33.41 6.42 13.79
C LYS A 428 -32.15 6.25 14.62
N GLU A 429 -32.28 6.26 15.94
CA GLU A 429 -31.12 6.01 16.79
C GLU A 429 -30.60 4.59 16.63
N GLN A 430 -31.50 3.64 16.36
CA GLN A 430 -31.07 2.28 16.05
C GLN A 430 -30.24 2.25 14.77
N LEU A 431 -30.68 2.98 13.75
CA LEU A 431 -29.89 3.11 12.53
C LEU A 431 -28.52 3.70 12.82
N LYS A 432 -28.47 4.73 13.66
CA LYS A 432 -27.18 5.34 14.03
C LYS A 432 -26.28 4.32 14.70
N ALA A 433 -26.81 3.61 15.70
CA ALA A 433 -26.01 2.59 16.38
C ALA A 433 -25.56 1.51 15.42
N ILE A 434 -26.37 1.18 14.42
CA ILE A 434 -25.95 0.24 13.39
C ILE A 434 -24.75 0.79 12.63
N SER A 435 -24.85 2.04 12.19
CA SER A 435 -23.75 2.65 11.45
C SER A 435 -22.47 2.68 12.28
N THR A 436 -22.60 2.80 13.62
CA THR A 436 -21.41 2.87 14.46
C THR A 436 -20.60 1.58 14.43
N ARG A 437 -21.26 0.44 14.17
CA ARG A 437 -20.60 -0.84 14.27
C ARG A 437 -19.44 -0.95 13.27
N ASP A 438 -18.60 -1.97 13.47
CA ASP A 438 -17.44 -2.20 12.63
C ASP A 438 -17.82 -2.98 11.38
N PRO A 439 -16.96 -2.98 10.37
CA PRO A 439 -17.30 -3.67 9.11
C PRO A 439 -17.52 -5.17 9.28
N LEU A 440 -16.57 -5.88 9.91
CA LEU A 440 -16.69 -7.33 10.01
C LEU A 440 -17.89 -7.76 10.83
N SER A 441 -18.47 -6.86 11.63
CA SER A 441 -19.67 -7.20 12.37
C SER A 441 -20.79 -7.55 11.40
N GLU A 442 -21.32 -8.76 11.50
CA GLU A 442 -22.34 -9.23 10.58
C GLU A 442 -23.66 -8.52 10.81
N ILE A 443 -24.47 -8.45 9.75
CA ILE A 443 -25.79 -7.82 9.78
C ILE A 443 -26.83 -8.89 9.50
N THR A 444 -27.92 -8.87 10.25
CA THR A 444 -28.96 -9.88 10.16
C THR A 444 -29.98 -9.53 9.08
N GLU A 445 -30.71 -10.56 8.63
CA GLU A 445 -31.73 -10.35 7.61
C GLU A 445 -32.78 -9.36 8.08
N GLN A 446 -33.21 -9.47 9.34
CA GLN A 446 -34.11 -8.46 9.90
C GLN A 446 -33.49 -7.07 9.78
N GLU A 447 -32.21 -6.95 10.15
CA GLU A 447 -31.53 -5.67 10.04
C GLU A 447 -31.36 -5.23 8.59
N LYS A 448 -31.17 -6.18 7.67
CA LYS A 448 -31.07 -5.82 6.26
C LYS A 448 -32.37 -5.21 5.75
N ASP A 449 -33.49 -5.92 5.96
CA ASP A 449 -34.77 -5.39 5.53
C ASP A 449 -35.12 -4.11 6.28
N PHE A 450 -34.62 -3.95 7.50
CA PHE A 450 -34.85 -2.73 8.27
C PHE A 450 -34.11 -1.55 7.65
N LEU A 451 -32.83 -1.73 7.33
CA LEU A 451 -32.08 -0.69 6.63
C LEU A 451 -32.69 -0.39 5.27
N TRP A 452 -33.22 -1.40 4.58
CA TRP A 452 -33.76 -1.18 3.24
C TRP A 452 -35.10 -0.43 3.31
N SER A 453 -35.93 -0.75 4.29
CA SER A 453 -37.19 -0.04 4.45
C SER A 453 -36.97 1.41 4.88
N HIS A 454 -35.79 1.73 5.42
CA HIS A 454 -35.45 3.08 5.83
C HIS A 454 -34.27 3.59 5.01
N ARG A 455 -34.28 3.31 3.70
CA ARG A 455 -33.11 3.59 2.88
C ARG A 455 -32.95 5.08 2.64
N HIS A 456 -34.04 5.84 2.69
CA HIS A 456 -33.96 7.27 2.41
C HIS A 456 -33.47 8.07 3.61
N TYR A 457 -33.85 7.65 4.82
CA TYR A 457 -33.35 8.34 6.01
C TYR A 457 -31.86 8.13 6.20
N CYS A 458 -31.33 7.02 5.70
CA CYS A 458 -29.90 6.74 5.84
C CYS A 458 -29.02 7.76 5.13
N VAL A 459 -29.58 8.57 4.23
CA VAL A 459 -28.80 9.60 3.58
C VAL A 459 -28.35 10.67 4.56
N THR A 460 -29.06 10.83 5.68
CA THR A 460 -28.66 11.81 6.68
C THR A 460 -27.47 11.36 7.51
N ILE A 461 -27.27 10.05 7.65
CA ILE A 461 -26.10 9.49 8.30
C ILE A 461 -25.29 8.75 7.24
N PRO A 462 -24.44 9.46 6.49
CA PRO A 462 -23.86 8.84 5.28
C PRO A 462 -22.92 7.68 5.55
N GLU A 463 -22.24 7.66 6.69
CA GLU A 463 -21.27 6.59 6.92
C GLU A 463 -21.90 5.22 7.09
N ILE A 464 -23.23 5.13 7.07
CA ILE A 464 -23.90 3.83 7.06
C ILE A 464 -24.02 3.25 5.65
N LEU A 465 -23.50 3.95 4.65
CA LEU A 465 -23.66 3.50 3.27
C LEU A 465 -23.09 2.11 3.01
N PRO A 466 -21.95 1.71 3.58
CA PRO A 466 -21.47 0.34 3.34
C PRO A 466 -22.48 -0.72 3.77
N LYS A 467 -23.03 -0.59 4.98
CA LYS A 467 -24.00 -1.58 5.45
C LYS A 467 -25.29 -1.52 4.64
N LEU A 468 -25.74 -0.31 4.30
CA LEU A 468 -26.91 -0.18 3.43
C LEU A 468 -26.71 -0.92 2.13
N LEU A 469 -25.57 -0.68 1.46
CA LEU A 469 -25.24 -1.44 0.25
C LEU A 469 -25.28 -2.93 0.53
N LEU A 470 -24.71 -3.37 1.65
CA LEU A 470 -24.73 -4.78 1.99
C LEU A 470 -26.15 -5.31 2.16
N SER A 471 -27.11 -4.44 2.44
CA SER A 471 -28.49 -4.85 2.67
C SER A 471 -29.33 -4.95 1.40
N VAL A 472 -28.71 -4.87 0.22
CA VAL A 472 -29.46 -4.83 -1.04
C VAL A 472 -29.57 -6.23 -1.61
N LYS A 473 -30.69 -6.49 -2.29
CA LYS A 473 -30.90 -7.73 -3.03
C LYS A 473 -30.47 -7.48 -4.47
N TRP A 474 -29.19 -7.74 -4.74
CA TRP A 474 -28.60 -7.42 -6.03
C TRP A 474 -29.12 -8.28 -7.18
N ASN A 475 -30.07 -9.18 -6.92
CA ASN A 475 -30.69 -9.98 -7.97
C ASN A 475 -32.03 -9.40 -8.42
N SER A 476 -32.29 -8.14 -8.11
CA SER A 476 -33.53 -7.47 -8.47
C SER A 476 -33.19 -6.13 -9.11
N ARG A 477 -33.47 -6.00 -10.40
CA ARG A 477 -33.12 -4.77 -11.12
C ARG A 477 -33.78 -3.55 -10.51
N ASP A 478 -34.96 -3.71 -9.89
CA ASP A 478 -35.66 -2.59 -9.28
C ASP A 478 -34.83 -1.98 -8.16
N GLU A 479 -34.45 -2.81 -7.18
CA GLU A 479 -33.67 -2.31 -6.06
C GLU A 479 -32.32 -1.79 -6.52
N VAL A 480 -31.73 -2.43 -7.53
CA VAL A 480 -30.43 -1.97 -8.03
C VAL A 480 -30.56 -0.58 -8.63
N ALA A 481 -31.62 -0.34 -9.42
CA ALA A 481 -31.81 0.97 -10.01
C ALA A 481 -32.10 2.02 -8.94
N GLN A 482 -32.90 1.68 -7.93
CA GLN A 482 -33.19 2.65 -6.89
C GLN A 482 -31.94 2.98 -6.08
N MET A 483 -31.08 1.98 -5.83
CA MET A 483 -29.81 2.26 -5.17
C MET A 483 -28.89 3.09 -6.04
N TYR A 484 -28.90 2.85 -7.36
CA TYR A 484 -28.19 3.72 -8.27
C TYR A 484 -28.62 5.17 -8.09
N CYS A 485 -29.93 5.40 -8.07
CA CYS A 485 -30.44 6.76 -7.89
C CYS A 485 -30.00 7.34 -6.56
N LEU A 486 -30.09 6.55 -5.48
CA LEU A 486 -29.61 7.03 -4.18
C LEU A 486 -28.13 7.37 -4.21
N VAL A 487 -27.35 6.67 -5.04
CA VAL A 487 -25.91 6.93 -5.10
C VAL A 487 -25.61 8.19 -5.92
N LYS A 488 -26.37 8.42 -6.98
CA LYS A 488 -26.11 9.57 -7.85
C LYS A 488 -26.12 10.88 -7.09
N ASP A 489 -26.74 10.93 -5.90
CA ASP A 489 -26.80 12.14 -5.10
C ASP A 489 -26.40 11.88 -3.66
N TRP A 490 -25.71 10.78 -3.38
CA TRP A 490 -25.33 10.46 -2.01
C TRP A 490 -24.24 11.42 -1.55
N PRO A 491 -24.30 11.88 -0.29
CA PRO A 491 -23.30 12.85 0.18
C PRO A 491 -21.92 12.22 0.24
N PRO A 492 -20.87 13.01 0.10
CA PRO A 492 -19.52 12.47 0.19
C PRO A 492 -19.16 12.16 1.65
N ILE A 493 -18.34 11.13 1.82
CA ILE A 493 -17.89 10.69 3.14
C ILE A 493 -16.36 10.71 3.16
N LYS A 494 -15.81 10.59 4.38
CA LYS A 494 -14.38 10.63 4.59
C LYS A 494 -13.66 9.59 3.73
N PRO A 495 -12.40 9.82 3.36
CA PRO A 495 -11.69 8.82 2.56
C PRO A 495 -11.47 7.51 3.29
N GLU A 496 -11.15 7.56 4.59
CA GLU A 496 -11.00 6.33 5.36
C GLU A 496 -12.25 5.46 5.25
N GLN A 497 -13.42 6.08 5.21
CA GLN A 497 -14.67 5.36 5.05
C GLN A 497 -15.01 5.07 3.59
N ALA A 498 -14.49 5.86 2.66
CA ALA A 498 -14.71 5.61 1.23
C ALA A 498 -13.92 4.42 0.72
N MET A 499 -12.78 4.11 1.34
CA MET A 499 -11.99 2.97 0.91
C MET A 499 -12.70 1.65 1.21
N GLU A 500 -13.50 1.61 2.28
CA GLU A 500 -14.25 0.40 2.58
C GLU A 500 -15.13 -0.02 1.41
N LEU A 501 -15.60 0.95 0.62
CA LEU A 501 -16.47 0.67 -0.52
C LEU A 501 -15.70 0.23 -1.76
N LEU A 502 -14.43 -0.14 -1.62
CA LEU A 502 -13.61 -0.54 -2.77
C LEU A 502 -13.06 -1.96 -2.66
N ASP A 503 -13.24 -2.65 -1.55
CA ASP A 503 -12.74 -4.01 -1.41
C ASP A 503 -13.58 -4.94 -2.30
N CYS A 504 -13.38 -6.24 -2.14
CA CYS A 504 -14.09 -7.21 -2.97
C CYS A 504 -15.58 -7.24 -2.71
N ASN A 505 -16.04 -6.65 -1.60
CA ASN A 505 -17.45 -6.73 -1.26
C ASN A 505 -18.31 -5.89 -2.18
N TYR A 506 -17.77 -4.82 -2.75
CA TYR A 506 -18.53 -3.83 -3.51
C TYR A 506 -18.00 -3.76 -4.94
N PRO A 507 -18.39 -4.69 -5.81
CA PRO A 507 -17.95 -4.64 -7.21
C PRO A 507 -18.82 -3.76 -8.10
N ASP A 508 -19.92 -3.22 -7.59
CA ASP A 508 -20.81 -2.44 -8.42
C ASP A 508 -20.09 -1.20 -8.95
N PRO A 509 -20.21 -0.88 -10.24
CA PRO A 509 -19.43 0.24 -10.79
C PRO A 509 -19.84 1.59 -10.25
N MET A 510 -21.14 1.81 -9.98
CA MET A 510 -21.57 3.11 -9.48
C MET A 510 -21.04 3.36 -8.07
N VAL A 511 -21.06 2.34 -7.22
CA VAL A 511 -20.54 2.48 -5.86
C VAL A 511 -19.05 2.82 -5.90
N ARG A 512 -18.29 2.09 -6.73
CA ARG A 512 -16.87 2.35 -6.84
C ARG A 512 -16.60 3.74 -7.43
N GLY A 513 -17.46 4.20 -8.35
CA GLY A 513 -17.32 5.55 -8.85
C GLY A 513 -17.55 6.59 -7.77
N PHE A 514 -18.57 6.38 -6.93
CA PHE A 514 -18.78 7.28 -5.80
C PHE A 514 -17.58 7.29 -4.87
N ALA A 515 -17.01 6.12 -4.59
CA ALA A 515 -15.84 6.06 -3.72
C ALA A 515 -14.65 6.79 -4.32
N VAL A 516 -14.44 6.62 -5.64
CA VAL A 516 -13.34 7.29 -6.31
C VAL A 516 -13.56 8.80 -6.30
N ARG A 517 -14.81 9.24 -6.42
CA ARG A 517 -15.10 10.67 -6.31
C ARG A 517 -14.79 11.18 -4.92
N CYS A 518 -15.18 10.43 -3.89
CA CYS A 518 -14.83 10.81 -2.52
C CYS A 518 -13.32 10.95 -2.37
N LEU A 519 -12.56 10.00 -2.92
CA LEU A 519 -11.10 10.08 -2.82
C LEU A 519 -10.57 11.31 -3.55
N GLU A 520 -11.06 11.54 -4.77
CA GLU A 520 -10.61 12.69 -5.56
C GLU A 520 -10.92 14.01 -4.87
N LYS A 521 -11.99 14.05 -4.08
CA LYS A 521 -12.41 15.28 -3.43
C LYS A 521 -11.84 15.47 -2.03
N TYR A 522 -11.43 14.39 -1.34
CA TYR A 522 -11.08 14.55 0.06
C TYR A 522 -9.81 13.79 0.47
N LEU A 523 -8.92 13.47 -0.47
CA LEU A 523 -7.71 12.72 -0.15
C LEU A 523 -6.48 13.56 -0.50
N THR A 524 -5.73 13.96 0.53
CA THR A 524 -4.47 14.65 0.30
C THR A 524 -3.44 13.69 -0.29
N ASP A 525 -2.49 14.25 -1.04
CA ASP A 525 -1.43 13.41 -1.60
C ASP A 525 -0.61 12.75 -0.49
N ASP A 526 -0.53 13.39 0.68
CA ASP A 526 0.08 12.74 1.84
C ASP A 526 -0.70 11.49 2.23
N LYS A 527 -2.02 11.64 2.41
CA LYS A 527 -2.85 10.48 2.71
C LYS A 527 -2.89 9.49 1.56
N LEU A 528 -2.72 9.97 0.33
CA LEU A 528 -2.65 9.05 -0.81
C LEU A 528 -1.40 8.18 -0.73
N SER A 529 -0.24 8.79 -0.48
CA SER A 529 0.97 8.02 -0.28
C SER A 529 0.83 7.10 0.93
N GLN A 530 0.08 7.53 1.95
CA GLN A 530 -0.05 6.71 3.15
C GLN A 530 -0.87 5.45 2.88
N TYR A 531 -1.78 5.48 1.90
CA TYR A 531 -2.62 4.33 1.58
C TYR A 531 -2.44 3.86 0.14
N LEU A 532 -1.30 4.20 -0.49
CA LEU A 532 -1.13 3.89 -1.90
C LEU A 532 -1.12 2.38 -2.15
N ILE A 533 -0.52 1.61 -1.25
CA ILE A 533 -0.40 0.17 -1.48
C ILE A 533 -1.77 -0.49 -1.47
N GLN A 534 -2.64 -0.10 -0.53
CA GLN A 534 -3.97 -0.69 -0.48
C GLN A 534 -4.77 -0.39 -1.74
N LEU A 535 -4.61 0.82 -2.28
CA LEU A 535 -5.33 1.18 -3.51
C LEU A 535 -4.79 0.40 -4.71
N VAL A 536 -3.46 0.32 -4.82
CA VAL A 536 -2.87 -0.50 -5.88
C VAL A 536 -3.37 -1.93 -5.79
N GLN A 537 -3.58 -2.42 -4.56
CA GLN A 537 -4.11 -3.77 -4.39
C GLN A 537 -5.55 -3.86 -4.88
N VAL A 538 -6.43 -3.00 -4.36
CA VAL A 538 -7.84 -3.05 -4.73
C VAL A 538 -8.02 -2.82 -6.23
N LEU A 539 -7.00 -2.29 -6.91
CA LEU A 539 -7.02 -2.27 -8.37
C LEU A 539 -7.42 -3.64 -8.93
N LYS A 540 -6.92 -4.71 -8.32
CA LYS A 540 -7.19 -6.05 -8.83
C LYS A 540 -8.68 -6.37 -8.82
N TYR A 541 -9.45 -5.78 -7.91
CA TYR A 541 -10.88 -6.03 -7.83
C TYR A 541 -11.67 -5.29 -8.91
N GLU A 542 -11.00 -4.56 -9.80
CA GLU A 542 -11.70 -3.82 -10.84
C GLU A 542 -12.19 -4.76 -11.93
N GLN A 543 -13.44 -4.59 -12.35
CA GLN A 543 -14.04 -5.48 -13.33
C GLN A 543 -13.39 -5.33 -14.70
N TYR A 544 -12.85 -4.15 -15.01
CA TYR A 544 -12.33 -3.89 -16.34
C TYR A 544 -11.00 -3.14 -16.23
N LEU A 545 -10.20 -3.26 -17.29
CA LEU A 545 -8.94 -2.53 -17.34
C LEU A 545 -9.17 -1.03 -17.18
N ASP A 546 -10.10 -0.48 -17.95
CA ASP A 546 -10.40 0.94 -17.92
C ASP A 546 -11.48 1.20 -16.88
N ASN A 547 -11.15 1.95 -15.85
CA ASN A 547 -12.10 2.31 -14.80
C ASN A 547 -11.64 3.63 -14.17
N LEU A 548 -12.49 4.17 -13.30
CA LEU A 548 -12.19 5.46 -12.69
C LEU A 548 -11.07 5.38 -11.67
N LEU A 549 -10.98 4.27 -10.93
CA LEU A 549 -9.95 4.13 -9.91
C LEU A 549 -8.56 4.17 -10.52
N VAL A 550 -8.34 3.38 -11.57
CA VAL A 550 -7.01 3.33 -12.20
C VAL A 550 -6.68 4.67 -12.82
N ARG A 551 -7.66 5.36 -13.40
CA ARG A 551 -7.41 6.67 -13.99
C ARG A 551 -7.04 7.68 -12.92
N PHE A 552 -7.71 7.66 -11.78
CA PHE A 552 -7.36 8.55 -10.68
C PHE A 552 -5.95 8.28 -10.20
N LEU A 553 -5.63 7.00 -9.92
CA LEU A 553 -4.28 6.66 -9.47
C LEU A 553 -3.24 7.09 -10.49
N LEU A 554 -3.52 6.89 -11.77
CA LEU A 554 -2.54 7.21 -12.80
C LEU A 554 -2.35 8.71 -12.93
N LYS A 555 -3.43 9.49 -12.86
CA LYS A 555 -3.29 10.94 -12.90
C LYS A 555 -2.44 11.43 -11.74
N LYS A 556 -2.72 10.92 -10.53
CA LYS A 556 -1.92 11.35 -9.38
C LYS A 556 -0.46 10.93 -9.53
N ALA A 557 -0.22 9.72 -10.04
CA ALA A 557 1.14 9.22 -10.17
C ALA A 557 1.91 9.97 -11.26
N LEU A 558 1.21 10.48 -12.27
CA LEU A 558 1.82 11.26 -13.34
C LEU A 558 1.84 12.75 -13.04
N THR A 559 1.25 13.18 -11.92
CA THR A 559 1.36 14.55 -11.46
C THR A 559 2.15 14.69 -10.17
N ASN A 560 2.58 13.59 -9.56
CA ASN A 560 3.30 13.63 -8.30
C ASN A 560 4.29 12.47 -8.30
N GLN A 561 5.58 12.79 -8.52
CA GLN A 561 6.57 11.73 -8.68
C GLN A 561 6.81 10.96 -7.39
N ARG A 562 6.61 11.58 -6.22
CA ARG A 562 6.72 10.83 -4.98
C ARG A 562 5.68 9.71 -4.93
N ILE A 563 4.48 9.99 -5.42
CA ILE A 563 3.45 8.95 -5.48
C ILE A 563 3.73 7.99 -6.63
N GLY A 564 4.17 8.52 -7.77
CA GLY A 564 4.42 7.67 -8.92
C GLY A 564 5.55 6.67 -8.71
N HIS A 565 6.53 7.02 -7.88
CA HIS A 565 7.61 6.10 -7.58
C HIS A 565 7.08 4.80 -6.97
N PHE A 566 6.37 4.92 -5.84
CA PHE A 566 5.82 3.74 -5.20
C PHE A 566 4.66 3.14 -5.97
N PHE A 567 3.97 3.93 -6.80
CA PHE A 567 3.02 3.37 -7.75
C PHE A 567 3.71 2.37 -8.67
N PHE A 568 4.75 2.83 -9.37
CA PHE A 568 5.52 1.97 -10.27
C PHE A 568 6.08 0.76 -9.53
N TRP A 569 6.57 0.96 -8.31
CA TRP A 569 7.23 -0.15 -7.64
C TRP A 569 6.22 -1.16 -7.10
N HIS A 570 5.11 -0.70 -6.53
CA HIS A 570 4.05 -1.63 -6.13
C HIS A 570 3.53 -2.41 -7.32
N LEU A 571 3.47 -1.78 -8.50
CA LEU A 571 3.03 -2.50 -9.70
C LEU A 571 4.07 -3.53 -10.13
N LYS A 572 5.31 -3.09 -10.32
CA LYS A 572 6.36 -3.97 -10.81
C LYS A 572 6.62 -5.14 -9.87
N SER A 573 6.47 -4.93 -8.56
CA SER A 573 6.74 -5.99 -7.59
C SER A 573 5.79 -7.18 -7.75
N GLU A 574 4.79 -7.07 -8.62
CA GLU A 574 3.85 -8.15 -8.86
C GLU A 574 3.76 -8.55 -10.32
N MET A 575 4.67 -8.04 -11.17
CA MET A 575 4.68 -8.47 -12.56
C MET A 575 4.94 -9.97 -12.69
N HIS A 576 5.55 -10.60 -11.68
CA HIS A 576 5.75 -12.04 -11.72
C HIS A 576 4.44 -12.81 -11.64
N ASN A 577 3.38 -12.18 -11.14
CA ASN A 577 2.08 -12.84 -10.96
C ASN A 577 1.31 -12.74 -12.27
N LYS A 578 1.24 -13.86 -13.00
CA LYS A 578 0.51 -13.88 -14.25
C LYS A 578 -0.99 -13.63 -14.07
N THR A 579 -1.47 -13.63 -12.82
CA THR A 579 -2.87 -13.29 -12.58
C THR A 579 -3.16 -11.84 -12.91
N VAL A 580 -2.19 -10.95 -12.70
CA VAL A 580 -2.39 -9.52 -12.95
C VAL A 580 -1.27 -8.99 -13.85
N SER A 581 -0.52 -9.90 -14.47
CA SER A 581 0.55 -9.46 -15.36
C SER A 581 0.03 -8.53 -16.45
N GLN A 582 -1.14 -8.84 -17.01
CA GLN A 582 -1.68 -8.03 -18.10
C GLN A 582 -2.07 -6.64 -17.63
N ARG A 583 -2.89 -6.57 -16.58
CA ARG A 583 -3.37 -5.29 -16.07
C ARG A 583 -2.20 -4.40 -15.66
N PHE A 584 -1.37 -4.89 -14.74
CA PHE A 584 -0.25 -4.08 -14.26
C PHE A 584 0.74 -3.79 -15.37
N GLY A 585 0.90 -4.68 -16.34
CA GLY A 585 1.81 -4.42 -17.44
C GLY A 585 1.34 -3.27 -18.29
N LEU A 586 0.06 -3.27 -18.66
CA LEU A 586 -0.48 -2.16 -19.45
C LEU A 586 -0.42 -0.85 -18.68
N LEU A 587 -0.76 -0.89 -17.38
CA LEU A 587 -0.71 0.32 -16.56
C LEU A 587 0.72 0.86 -16.48
N LEU A 588 1.69 -0.02 -16.27
CA LEU A 588 3.09 0.39 -16.26
C LEU A 588 3.52 0.95 -17.60
N GLU A 589 3.01 0.38 -18.69
CA GLU A 589 3.32 0.92 -20.01
C GLU A 589 2.88 2.36 -20.11
N SER A 590 1.62 2.63 -19.79
CA SER A 590 1.12 4.01 -19.85
C SER A 590 1.94 4.93 -18.95
N TYR A 591 2.19 4.49 -17.71
CA TYR A 591 2.93 5.33 -16.77
C TYR A 591 4.31 5.66 -17.31
N CYS A 592 5.11 4.64 -17.61
CA CYS A 592 6.44 4.87 -18.14
C CYS A 592 6.41 5.70 -19.41
N ARG A 593 5.34 5.61 -20.19
CA ARG A 593 5.24 6.41 -21.40
C ARG A 593 5.02 7.88 -21.08
N ALA A 594 4.36 8.18 -19.97
CA ALA A 594 4.05 9.56 -19.62
C ALA A 594 4.85 10.11 -18.44
N CYS A 595 5.68 9.29 -17.79
CA CYS A 595 6.31 9.72 -16.54
C CYS A 595 7.45 10.71 -16.75
N GLY A 596 8.00 10.81 -17.95
CA GLY A 596 9.05 11.79 -18.21
C GLY A 596 10.46 11.25 -18.10
N MET A 597 11.40 12.11 -17.67
CA MET A 597 12.79 11.71 -17.59
C MET A 597 13.06 10.69 -16.48
N TYR A 598 12.18 10.62 -15.48
CA TYR A 598 12.38 9.70 -14.37
C TYR A 598 12.45 8.25 -14.81
N LEU A 599 12.07 7.94 -16.06
CA LEU A 599 12.18 6.58 -16.56
C LEU A 599 13.63 6.12 -16.57
N LYS A 600 14.57 7.03 -16.84
CA LYS A 600 15.99 6.66 -16.83
C LYS A 600 16.43 6.24 -15.43
N HIS A 601 16.06 7.01 -14.42
CA HIS A 601 16.45 6.67 -13.05
C HIS A 601 15.77 5.39 -12.59
N LEU A 602 14.50 5.20 -12.97
CA LEU A 602 13.83 3.95 -12.64
C LEU A 602 14.51 2.76 -13.32
N ASN A 603 14.99 2.96 -14.55
CA ASN A 603 15.72 1.90 -15.23
C ASN A 603 17.03 1.59 -14.53
N ARG A 604 17.73 2.61 -14.05
CA ARG A 604 18.96 2.37 -13.30
C ARG A 604 18.67 1.60 -12.02
N GLN A 605 17.60 1.97 -11.32
CA GLN A 605 17.20 1.23 -10.13
C GLN A 605 16.86 -0.22 -10.47
N VAL A 606 16.17 -0.43 -11.59
CA VAL A 606 15.78 -1.78 -12.00
C VAL A 606 17.02 -2.61 -12.31
N GLU A 607 17.99 -2.02 -12.99
CA GLU A 607 19.22 -2.75 -13.30
C GLU A 607 20.02 -3.05 -12.04
N ALA A 608 20.01 -2.13 -11.07
CA ALA A 608 20.70 -2.39 -9.80
C ALA A 608 20.04 -3.55 -9.07
N MET A 609 18.71 -3.52 -8.95
CA MET A 609 18.01 -4.64 -8.33
C MET A 609 18.21 -5.92 -9.11
N GLU A 610 18.36 -5.83 -10.43
CA GLU A 610 18.62 -7.00 -11.26
C GLU A 610 19.97 -7.62 -10.91
N LYS A 611 21.02 -6.79 -10.86
CA LYS A 611 22.33 -7.29 -10.47
C LYS A 611 22.31 -7.86 -9.05
N LEU A 612 21.57 -7.23 -8.14
CA LEU A 612 21.49 -7.73 -6.77
C LEU A 612 20.79 -9.08 -6.72
N ILE A 613 19.70 -9.24 -7.47
CA ILE A 613 19.01 -10.53 -7.51
C ILE A 613 19.91 -11.60 -8.11
N ASN A 614 20.63 -11.25 -9.19
CA ASN A 614 21.59 -12.18 -9.75
C ASN A 614 22.59 -12.62 -8.70
N LEU A 615 23.18 -11.65 -7.99
CA LEU A 615 24.23 -11.98 -7.03
C LEU A 615 23.70 -12.83 -5.89
N THR A 616 22.50 -12.50 -5.39
CA THR A 616 21.95 -13.26 -4.26
C THR A 616 21.56 -14.67 -4.69
N ASP A 617 20.83 -14.81 -5.80
CA ASP A 617 20.47 -16.12 -6.31
C ASP A 617 21.71 -16.97 -6.53
N ILE A 618 22.67 -16.46 -7.31
CA ILE A 618 23.91 -17.19 -7.55
C ILE A 618 24.59 -17.57 -6.25
N LEU A 619 24.60 -16.66 -5.27
CA LEU A 619 25.31 -16.90 -4.02
C LEU A 619 24.88 -18.22 -3.39
N LYS A 620 23.61 -18.30 -2.99
CA LYS A 620 23.13 -19.55 -2.41
C LYS A 620 23.21 -20.70 -3.42
N GLN A 621 22.64 -20.53 -4.61
CA GLN A 621 22.60 -21.63 -5.58
C GLN A 621 23.95 -22.34 -5.71
N GLU A 622 25.03 -21.58 -5.89
CA GLU A 622 26.35 -22.14 -6.20
C GLU A 622 27.32 -22.10 -5.05
N LYS A 623 27.15 -21.18 -4.09
CA LYS A 623 28.06 -21.09 -2.95
C LYS A 623 27.34 -21.15 -1.60
N LYS A 624 26.10 -21.63 -1.55
CA LYS A 624 25.30 -21.55 -0.33
C LYS A 624 26.03 -22.16 0.87
N ASP A 625 26.64 -23.33 0.68
CA ASP A 625 27.17 -24.13 1.78
C ASP A 625 28.65 -23.88 2.03
N GLU A 626 29.16 -22.70 1.66
CA GLU A 626 30.52 -22.34 1.99
C GLU A 626 30.55 -21.55 3.29
N THR A 627 31.75 -21.20 3.75
CA THR A 627 31.90 -20.48 4.99
C THR A 627 31.65 -18.99 4.79
N GLN A 628 31.49 -18.28 5.92
CA GLN A 628 31.23 -16.84 5.85
C GLN A 628 32.30 -16.13 5.04
N LYS A 629 33.57 -16.45 5.28
CA LYS A 629 34.65 -15.72 4.63
C LYS A 629 34.78 -16.06 3.16
N VAL A 630 34.43 -17.30 2.77
CA VAL A 630 34.50 -17.66 1.35
C VAL A 630 33.35 -17.02 0.57
N GLN A 631 32.14 -17.07 1.11
CA GLN A 631 31.04 -16.33 0.50
C GLN A 631 31.38 -14.85 0.42
N MET A 632 32.07 -14.33 1.44
CA MET A 632 32.47 -12.92 1.42
C MET A 632 33.48 -12.66 0.31
N LYS A 633 34.42 -13.57 0.12
CA LYS A 633 35.41 -13.42 -0.94
C LYS A 633 34.74 -13.41 -2.31
N PHE A 634 33.82 -14.36 -2.54
CA PHE A 634 33.13 -14.39 -3.82
C PHE A 634 32.27 -13.14 -4.01
N LEU A 635 31.66 -12.65 -2.93
CA LEU A 635 30.83 -11.45 -3.03
C LEU A 635 31.67 -10.22 -3.36
N VAL A 636 32.86 -10.12 -2.76
CA VAL A 636 33.74 -9.00 -3.07
C VAL A 636 34.26 -9.11 -4.50
N GLU A 637 34.49 -10.33 -4.97
CA GLU A 637 34.99 -10.51 -6.34
C GLU A 637 33.92 -10.13 -7.36
N GLN A 638 32.73 -10.73 -7.26
CA GLN A 638 31.69 -10.46 -8.23
C GLN A 638 31.17 -9.02 -8.10
N MET A 639 31.13 -8.50 -6.87
CA MET A 639 30.64 -7.15 -6.65
C MET A 639 31.57 -6.10 -7.27
N ARG A 640 32.82 -6.48 -7.55
CA ARG A 640 33.78 -5.56 -8.14
C ARG A 640 33.80 -5.62 -9.66
N ARG A 641 33.08 -6.55 -10.28
CA ARG A 641 33.02 -6.60 -11.73
C ARG A 641 32.51 -5.26 -12.27
N PRO A 642 33.20 -4.63 -13.22
CA PRO A 642 32.77 -3.28 -13.65
C PRO A 642 31.34 -3.22 -14.15
N ASP A 643 30.90 -4.22 -14.93
CA ASP A 643 29.52 -4.25 -15.37
C ASP A 643 28.55 -4.26 -14.20
N PHE A 644 29.02 -4.60 -13.00
CA PHE A 644 28.22 -4.62 -11.78
C PHE A 644 28.35 -3.33 -10.99
N MET A 645 29.58 -2.82 -10.86
CA MET A 645 29.81 -1.56 -10.17
C MET A 645 29.07 -0.41 -10.85
N ASP A 646 29.14 -0.35 -12.18
CA ASP A 646 28.36 0.65 -12.89
C ASP A 646 26.88 0.51 -12.58
N ALA A 647 26.42 -0.72 -12.37
CA ALA A 647 24.98 -0.94 -12.18
C ALA A 647 24.54 -0.53 -10.77
N LEU A 648 25.40 -0.75 -9.77
CA LEU A 648 25.02 -0.49 -8.39
C LEU A 648 25.57 0.82 -7.84
N GLN A 649 26.05 1.72 -8.69
CA GLN A 649 26.61 2.98 -8.23
C GLN A 649 25.95 4.14 -8.97
N GLY A 650 25.54 5.15 -8.21
CA GLY A 650 24.93 6.34 -8.79
C GLY A 650 23.49 6.14 -9.22
N PHE A 651 22.59 5.94 -8.25
CA PHE A 651 21.17 5.85 -8.56
C PHE A 651 20.38 6.15 -7.30
N LEU A 652 19.07 6.29 -7.47
CA LEU A 652 18.19 6.73 -6.40
C LEU A 652 17.70 5.54 -5.58
N SER A 653 17.59 5.73 -4.27
CA SER A 653 17.13 4.68 -3.37
C SER A 653 15.67 4.37 -3.60
N PRO A 654 15.31 3.14 -3.99
CA PRO A 654 13.89 2.80 -4.13
C PRO A 654 13.11 2.96 -2.85
N LEU A 655 13.75 2.80 -1.69
CA LEU A 655 13.05 3.03 -0.42
C LEU A 655 12.65 4.50 -0.27
N ASN A 656 13.43 5.41 -0.84
CA ASN A 656 13.16 6.84 -0.77
C ASN A 656 13.90 7.52 -1.92
N PRO A 657 13.23 7.77 -3.05
CA PRO A 657 13.93 8.31 -4.22
C PRO A 657 14.62 9.64 -3.98
N ALA A 658 14.31 10.33 -2.88
CA ALA A 658 15.03 11.55 -2.56
C ALA A 658 16.45 11.29 -2.09
N HIS A 659 16.83 10.02 -1.91
CA HIS A 659 18.16 9.65 -1.45
C HIS A 659 19.01 9.23 -2.65
N GLN A 660 20.10 9.96 -2.88
CA GLN A 660 21.08 9.53 -3.86
C GLN A 660 21.97 8.46 -3.25
N LEU A 661 22.41 7.52 -4.09
CA LEU A 661 23.35 6.48 -3.69
C LEU A 661 24.50 6.51 -4.69
N GLY A 662 25.67 6.95 -4.23
CA GLY A 662 26.83 7.05 -5.08
C GLY A 662 27.62 5.77 -5.15
N ASN A 663 28.90 5.84 -4.83
CA ASN A 663 29.77 4.69 -4.95
C ASN A 663 29.60 3.75 -3.76
N LEU A 664 29.72 2.45 -4.03
CA LEU A 664 29.65 1.46 -2.98
C LEU A 664 30.87 1.55 -2.07
N ARG A 665 30.63 1.54 -0.76
CA ARG A 665 31.70 1.32 0.22
C ARG A 665 31.77 -0.18 0.48
N LEU A 666 32.47 -0.88 -0.42
CA LEU A 666 32.55 -2.33 -0.34
C LEU A 666 33.13 -2.78 0.99
N GLU A 667 34.05 -2.00 1.56
CA GLU A 667 34.61 -2.35 2.85
C GLU A 667 33.55 -2.41 3.95
N GLU A 668 32.37 -1.85 3.69
CA GLU A 668 31.28 -1.84 4.67
C GLU A 668 30.12 -2.74 4.28
N CYS A 669 30.15 -3.33 3.08
CA CYS A 669 29.13 -4.29 2.67
C CYS A 669 29.48 -5.68 3.17
N ARG A 670 28.45 -6.45 3.50
CA ARG A 670 28.64 -7.78 4.06
C ARG A 670 27.36 -8.57 3.90
N ILE A 671 27.46 -9.88 4.17
CA ILE A 671 26.32 -10.77 4.19
C ILE A 671 25.95 -11.03 5.64
N MET A 672 24.76 -10.57 6.05
CA MET A 672 24.30 -10.80 7.41
C MET A 672 24.29 -12.29 7.74
N SER A 673 23.71 -13.10 6.84
CA SER A 673 23.62 -14.56 6.95
C SER A 673 22.62 -15.03 8.00
N SER A 674 21.86 -14.12 8.61
CA SER A 674 20.87 -14.55 9.59
C SER A 674 19.82 -15.45 8.97
N ALA A 675 19.29 -15.03 7.81
CA ALA A 675 18.27 -15.80 7.12
C ALA A 675 18.38 -15.56 5.62
N LYS A 676 18.64 -16.64 4.87
CA LYS A 676 18.62 -16.60 3.41
C LYS A 676 19.65 -15.63 2.86
N ARG A 677 20.77 -15.48 3.58
CA ARG A 677 21.91 -14.67 3.15
C ARG A 677 21.45 -13.27 2.74
N PRO A 678 21.00 -12.45 3.68
CA PRO A 678 20.62 -11.08 3.33
C PRO A 678 21.85 -10.22 3.13
N LEU A 679 21.73 -9.26 2.21
CA LEU A 679 22.84 -8.38 1.86
C LEU A 679 22.72 -7.06 2.62
N TRP A 680 23.83 -6.63 3.23
CA TRP A 680 23.91 -5.37 3.96
C TRP A 680 24.79 -4.43 3.14
N LEU A 681 24.17 -3.50 2.42
CA LEU A 681 24.88 -2.63 1.49
C LEU A 681 24.99 -1.22 2.06
N ASN A 682 26.09 -0.56 1.69
CA ASN A 682 26.48 0.74 2.25
C ASN A 682 26.97 1.63 1.12
N TRP A 683 26.30 2.76 0.92
CA TRP A 683 26.68 3.74 -0.09
C TRP A 683 27.09 5.04 0.58
N GLU A 684 27.96 5.80 -0.08
CA GLU A 684 28.21 7.16 0.33
C GLU A 684 27.06 8.06 -0.13
N ASN A 685 26.81 9.13 0.61
CA ASN A 685 25.80 10.10 0.22
C ASN A 685 26.47 11.21 -0.57
N PRO A 686 26.28 11.29 -1.88
CA PRO A 686 26.97 12.31 -2.68
C PRO A 686 26.41 13.71 -2.53
N ASP A 687 25.42 13.91 -1.66
CA ASP A 687 24.83 15.24 -1.50
C ASP A 687 25.90 16.25 -1.09
N ILE A 688 25.75 17.48 -1.60
CA ILE A 688 26.71 18.53 -1.30
C ILE A 688 26.89 18.67 0.21
N MET A 689 25.79 18.53 0.96
CA MET A 689 25.85 18.64 2.41
C MET A 689 25.44 17.33 3.06
N SER A 690 26.08 16.24 2.66
CA SER A 690 25.71 14.92 3.18
C SER A 690 25.97 14.81 4.68
N GLU A 691 26.94 15.56 5.20
CA GLU A 691 27.33 15.39 6.59
C GLU A 691 26.27 15.90 7.57
N LEU A 692 25.39 16.81 7.13
CA LEU A 692 24.37 17.35 8.01
C LEU A 692 23.13 16.45 8.11
N LEU A 693 23.12 15.31 7.43
CA LEU A 693 22.01 14.38 7.50
C LEU A 693 22.54 12.97 7.75
N PHE A 694 23.24 12.42 6.76
CA PHE A 694 24.00 11.18 6.95
C PHE A 694 24.95 11.03 5.78
N GLN A 695 26.23 10.82 6.08
CA GLN A 695 27.24 10.67 5.04
C GLN A 695 27.22 9.30 4.39
N ASN A 696 26.55 8.32 5.01
CA ASN A 696 26.45 6.98 4.45
C ASN A 696 25.03 6.46 4.64
N ASN A 697 24.50 5.85 3.59
CA ASN A 697 23.17 5.25 3.59
C ASN A 697 23.32 3.74 3.54
N GLU A 698 22.59 3.03 4.40
CA GLU A 698 22.68 1.59 4.49
C GLU A 698 21.32 0.96 4.21
N ILE A 699 21.32 -0.16 3.51
CA ILE A 699 20.09 -0.84 3.12
C ILE A 699 20.31 -2.34 3.15
N ILE A 700 19.29 -3.07 3.59
CA ILE A 700 19.32 -4.53 3.61
C ILE A 700 18.52 -5.03 2.42
N PHE A 701 19.21 -5.58 1.43
CA PHE A 701 18.58 -6.21 0.28
C PHE A 701 18.36 -7.68 0.61
N LYS A 702 17.10 -8.10 0.72
CA LYS A 702 16.77 -9.47 1.06
C LYS A 702 16.08 -10.13 -0.12
N ASN A 703 16.70 -11.19 -0.63
CA ASN A 703 16.15 -12.03 -1.68
C ASN A 703 15.87 -13.40 -1.04
N GLY A 704 14.60 -13.64 -0.70
CA GLY A 704 14.24 -14.90 -0.08
C GLY A 704 12.86 -14.94 0.53
N ASP A 705 12.61 -14.10 1.53
CA ASP A 705 11.35 -14.11 2.26
C ASP A 705 10.45 -12.97 1.80
N ASP A 706 9.15 -13.15 2.04
CA ASP A 706 8.14 -12.21 1.59
C ASP A 706 8.09 -11.00 2.51
N LEU A 707 8.22 -9.81 1.93
CA LEU A 707 8.25 -8.57 2.69
C LEU A 707 6.92 -7.81 2.66
N ARG A 708 5.93 -8.30 1.93
CA ARG A 708 4.64 -7.62 1.90
C ARG A 708 4.05 -7.49 3.30
N GLN A 709 4.12 -8.57 4.09
CA GLN A 709 3.66 -8.50 5.47
C GLN A 709 4.38 -7.40 6.23
N ASP A 710 5.69 -7.28 6.02
CA ASP A 710 6.46 -6.24 6.68
C ASP A 710 6.03 -4.85 6.23
N MET A 711 5.80 -4.68 4.93
CA MET A 711 5.32 -3.39 4.43
C MET A 711 4.01 -3.00 5.10
N LEU A 712 3.04 -3.92 5.11
CA LEU A 712 1.75 -3.61 5.72
C LEU A 712 1.90 -3.32 7.20
N THR A 713 2.70 -4.11 7.91
CA THR A 713 2.87 -3.90 9.35
C THR A 713 3.51 -2.56 9.64
N LEU A 714 4.53 -2.17 8.86
CA LEU A 714 5.18 -0.89 9.08
C LEU A 714 4.25 0.27 8.74
N GLN A 715 3.44 0.13 7.69
CA GLN A 715 2.42 1.14 7.40
C GLN A 715 1.48 1.31 8.58
N ILE A 716 1.00 0.20 9.13
CA ILE A 716 0.05 0.28 10.24
C ILE A 716 0.71 0.88 11.48
N ILE A 717 1.99 0.57 11.70
CA ILE A 717 2.70 1.15 12.84
C ILE A 717 2.86 2.65 12.66
N ARG A 718 3.20 3.11 11.46
CA ARG A 718 3.28 4.54 11.20
C ARG A 718 1.93 5.21 11.43
N ILE A 719 0.84 4.56 11.01
CA ILE A 719 -0.48 5.13 11.20
C ILE A 719 -0.82 5.21 12.69
N MET A 720 -0.45 4.19 13.46
CA MET A 720 -0.69 4.23 14.90
C MET A 720 0.10 5.37 15.56
N GLU A 721 1.36 5.55 15.15
CA GLU A 721 2.15 6.65 15.68
C GLU A 721 1.52 7.99 15.32
N ASN A 722 1.00 8.12 14.10
CA ASN A 722 0.34 9.36 13.69
C ASN A 722 -0.89 9.61 14.56
N ILE A 723 -1.69 8.58 14.79
CA ILE A 723 -2.87 8.72 15.65
C ILE A 723 -2.46 9.19 17.04
N TRP A 724 -1.47 8.53 17.63
CA TRP A 724 -1.04 8.88 18.98
C TRP A 724 -0.54 10.31 19.05
N GLN A 725 0.29 10.71 18.07
CA GLN A 725 0.80 12.08 18.06
C GLN A 725 -0.33 13.09 17.96
N ASN A 726 -1.21 12.92 16.96
CA ASN A 726 -2.31 13.86 16.78
C ASN A 726 -3.32 13.80 17.93
N GLN A 727 -3.25 12.79 18.80
CA GLN A 727 -4.13 12.71 19.94
C GLN A 727 -3.48 13.16 21.24
N GLY A 728 -2.17 13.38 21.25
CA GLY A 728 -1.49 13.99 22.37
C GLY A 728 -0.74 13.08 23.30
N LEU A 729 -0.27 11.93 22.84
CA LEU A 729 0.60 11.06 23.63
C LEU A 729 1.82 10.71 22.78
N ASP A 730 3.00 11.10 23.25
CA ASP A 730 4.24 11.00 22.49
C ASP A 730 4.83 9.61 22.68
N LEU A 731 4.37 8.66 21.87
CA LEU A 731 4.90 7.30 21.87
C LEU A 731 5.69 7.11 20.58
N ARG A 732 6.96 7.51 20.62
CA ARG A 732 7.79 7.50 19.43
C ARG A 732 7.99 6.09 18.89
N MET A 733 7.29 5.75 17.81
CA MET A 733 7.49 4.50 17.11
C MET A 733 8.59 4.66 16.07
N LEU A 734 8.83 3.62 15.29
CA LEU A 734 9.86 3.65 14.25
C LEU A 734 9.43 2.79 13.08
N PRO A 735 8.61 3.35 12.18
CA PRO A 735 8.23 2.66 10.93
C PRO A 735 9.26 2.86 9.83
N TYR A 736 10.36 2.11 9.94
CA TYR A 736 11.45 2.25 8.98
C TYR A 736 11.01 1.80 7.59
N GLY A 737 11.78 2.23 6.60
CA GLY A 737 11.41 1.92 5.23
C GLY A 737 11.48 0.44 4.93
N CYS A 738 10.56 -0.03 4.09
CA CYS A 738 10.54 -1.42 3.65
C CYS A 738 9.73 -1.48 2.36
N LEU A 739 10.34 -2.00 1.30
CA LEU A 739 9.72 -2.00 -0.02
C LEU A 739 9.96 -3.35 -0.69
N SER A 740 8.88 -4.08 -0.96
CA SER A 740 8.95 -5.28 -1.78
C SER A 740 9.04 -4.86 -3.25
N ILE A 741 10.11 -5.31 -3.92
CA ILE A 741 10.33 -4.96 -5.32
C ILE A 741 10.06 -6.12 -6.27
N GLY A 742 9.89 -7.33 -5.75
CA GLY A 742 9.54 -8.44 -6.61
C GLY A 742 9.21 -9.66 -5.79
N ASP A 743 8.98 -10.77 -6.50
CA ASP A 743 8.60 -12.03 -5.88
C ASP A 743 9.55 -12.37 -4.73
N CYS A 744 9.15 -12.02 -3.52
CA CYS A 744 9.94 -12.26 -2.32
C CYS A 744 11.29 -11.56 -2.36
N VAL A 745 11.44 -10.50 -3.13
CA VAL A 745 12.68 -9.73 -3.20
C VAL A 745 12.37 -8.30 -2.78
N GLY A 746 13.09 -7.80 -1.78
CA GLY A 746 12.79 -6.48 -1.27
C GLY A 746 13.96 -5.82 -0.59
N LEU A 747 13.70 -4.59 -0.14
CA LEU A 747 14.69 -3.77 0.56
C LEU A 747 14.16 -3.39 1.94
N ILE A 748 15.08 -3.11 2.85
CA ILE A 748 14.76 -2.72 4.22
C ILE A 748 15.69 -1.58 4.63
N GLU A 749 15.11 -0.52 5.18
CA GLU A 749 15.91 0.57 5.71
C GLU A 749 16.72 0.08 6.91
N VAL A 750 17.90 0.67 7.10
CA VAL A 750 18.79 0.35 8.21
C VAL A 750 18.80 1.52 9.17
N VAL A 751 18.25 1.33 10.36
CA VAL A 751 18.21 2.37 11.38
C VAL A 751 19.59 2.48 12.01
N ARG A 752 20.22 3.63 11.85
CA ARG A 752 21.57 3.83 12.36
C ARG A 752 21.59 3.80 13.88
N ASN A 753 22.72 3.35 14.43
CA ASN A 753 22.94 3.30 15.87
C ASN A 753 21.84 2.49 16.56
N SER A 754 21.66 1.26 16.09
CA SER A 754 20.64 0.36 16.61
C SER A 754 21.23 -1.03 16.78
N HIS A 755 20.84 -1.71 17.85
CA HIS A 755 21.34 -3.05 18.13
C HIS A 755 20.22 -3.90 18.73
N THR A 756 20.32 -5.21 18.53
CA THR A 756 19.35 -6.13 19.09
C THR A 756 19.63 -6.36 20.57
N ILE A 757 18.57 -6.64 21.33
CA ILE A 757 18.73 -6.94 22.74
C ILE A 757 19.71 -8.09 22.94
N MET A 758 19.61 -9.11 22.10
CA MET A 758 20.56 -10.21 22.17
C MET A 758 21.99 -9.73 21.97
N GLN A 759 22.19 -8.75 21.07
CA GLN A 759 23.52 -8.18 20.87
C GLN A 759 24.02 -7.53 22.15
N ILE A 760 23.17 -6.74 22.80
CA ILE A 760 23.56 -6.09 24.05
C ILE A 760 23.95 -7.14 25.09
N GLN A 761 23.14 -8.19 25.21
CA GLN A 761 23.42 -9.22 26.21
C GLN A 761 24.74 -9.93 25.91
N CYS A 762 24.97 -10.28 24.65
CA CYS A 762 26.22 -10.95 24.27
C CYS A 762 27.42 -10.05 24.55
N LYS A 763 27.30 -8.77 24.20
CA LYS A 763 28.40 -7.82 24.44
C LYS A 763 28.58 -7.58 25.94
N GLY A 764 27.50 -7.55 26.71
CA GLY A 764 27.55 -7.45 28.16
C GLY A 764 27.54 -8.74 28.97
N GLY A 765 27.66 -9.92 28.35
CA GLY A 765 27.71 -11.13 29.15
C GLY A 765 28.87 -11.14 30.15
N LEU A 766 29.98 -10.52 29.76
CA LEU A 766 31.16 -10.37 30.62
C LEU A 766 31.79 -11.70 31.00
N LYS A 767 31.58 -12.75 30.20
CA LYS A 767 32.08 -14.07 30.52
C LYS A 767 32.00 -14.96 29.29
N GLY A 768 33.12 -15.53 28.88
CA GLY A 768 33.11 -16.41 27.73
C GLY A 768 32.33 -17.69 27.99
N ALA A 769 32.39 -18.21 29.21
CA ALA A 769 31.78 -19.49 29.55
C ALA A 769 30.48 -19.34 30.33
N LEU A 770 30.05 -18.12 30.62
CA LEU A 770 28.86 -17.89 31.42
C LEU A 770 27.68 -17.50 30.56
N GLN A 771 26.48 -17.60 31.15
CA GLN A 771 25.25 -17.20 30.50
C GLN A 771 25.08 -15.69 30.57
N PHE A 772 23.96 -15.21 30.04
CA PHE A 772 23.72 -13.79 29.85
C PHE A 772 22.54 -13.37 30.70
N ASN A 773 22.79 -12.53 31.69
CA ASN A 773 21.77 -12.09 32.63
C ASN A 773 21.06 -10.85 32.12
N SER A 774 19.85 -10.63 32.63
CA SER A 774 18.97 -9.65 31.99
C SER A 774 19.32 -8.23 32.42
N HIS A 775 19.76 -8.06 33.68
CA HIS A 775 19.94 -6.74 34.26
C HIS A 775 20.96 -5.90 33.49
N THR A 776 21.43 -6.41 32.36
CA THR A 776 22.52 -5.74 31.65
C THR A 776 22.04 -4.52 30.86
N LEU A 777 20.79 -4.54 30.37
CA LEU A 777 20.36 -3.49 29.45
C LEU A 777 20.37 -2.12 30.11
N HIS A 778 19.88 -2.03 31.35
CA HIS A 778 19.87 -0.74 32.03
C HIS A 778 21.29 -0.21 32.20
N GLN A 779 22.23 -1.09 32.54
CA GLN A 779 23.62 -0.67 32.66
C GLN A 779 24.18 -0.18 31.33
N TRP A 780 23.90 -0.92 30.25
CA TRP A 780 24.36 -0.51 28.93
C TRP A 780 23.83 0.88 28.58
N LEU A 781 22.54 1.11 28.83
CA LEU A 781 21.95 2.41 28.52
C LEU A 781 22.57 3.50 29.36
N LYS A 782 22.70 3.27 30.67
CA LYS A 782 23.31 4.26 31.55
C LYS A 782 24.72 4.61 31.08
N ASP A 783 25.47 3.61 30.62
CA ASP A 783 26.80 3.88 30.07
C ASP A 783 26.70 4.74 28.83
N LYS A 784 25.82 4.38 27.90
CA LYS A 784 25.64 5.15 26.67
C LYS A 784 24.89 6.47 26.91
N ASN A 785 24.29 6.66 28.09
CA ASN A 785 23.56 7.89 28.41
C ASN A 785 23.91 8.27 29.85
N LYS A 786 24.95 9.08 30.01
CA LYS A 786 25.40 9.55 31.31
C LYS A 786 25.03 11.03 31.49
N GLY A 787 24.73 11.39 32.73
CA GLY A 787 24.37 12.75 33.04
C GLY A 787 22.88 13.03 32.91
N GLU A 788 22.54 14.23 32.44
CA GLU A 788 21.13 14.58 32.28
C GLU A 788 20.47 13.80 31.15
N ILE A 789 21.27 13.21 30.25
CA ILE A 789 20.71 12.40 29.17
C ILE A 789 20.04 11.14 29.69
N TYR A 790 20.31 10.76 30.94
CA TYR A 790 19.82 9.49 31.46
C TYR A 790 18.29 9.46 31.52
N ASP A 791 17.69 10.47 32.16
CA ASP A 791 16.24 10.48 32.29
C ASP A 791 15.57 10.58 30.93
N ALA A 792 16.17 11.34 30.00
CA ALA A 792 15.62 11.43 28.65
C ALA A 792 15.62 10.08 27.95
N ALA A 793 16.75 9.36 28.04
CA ALA A 793 16.83 8.04 27.43
C ALA A 793 15.82 7.09 28.06
N ILE A 794 15.67 7.15 29.38
CA ILE A 794 14.71 6.28 30.06
C ILE A 794 13.29 6.58 29.60
N ASP A 795 12.95 7.87 29.47
CA ASP A 795 11.63 8.25 29.01
C ASP A 795 11.39 7.75 27.59
N LEU A 796 12.38 7.93 26.71
CA LEU A 796 12.24 7.45 25.34
C LEU A 796 12.01 5.95 25.30
N PHE A 797 12.82 5.20 26.05
CA PHE A 797 12.65 3.75 26.10
C PHE A 797 11.25 3.38 26.59
N THR A 798 10.81 3.99 27.68
CA THR A 798 9.50 3.64 28.25
C THR A 798 8.38 3.91 27.25
N ARG A 799 8.40 5.09 26.62
CA ARG A 799 7.31 5.46 25.73
C ARG A 799 7.30 4.58 24.48
N SER A 800 8.44 4.43 23.82
CA SER A 800 8.49 3.57 22.64
C SER A 800 8.12 2.14 23.00
N CYS A 801 8.52 1.67 24.18
CA CYS A 801 8.21 0.32 24.60
C CYS A 801 6.71 0.13 24.79
N ALA A 802 6.05 1.07 25.46
CA ALA A 802 4.61 0.97 25.63
C ALA A 802 3.91 0.97 24.26
N GLY A 803 4.35 1.85 23.37
CA GLY A 803 3.77 1.88 22.04
C GLY A 803 3.87 0.53 21.34
N TYR A 804 5.07 -0.03 21.30
CA TYR A 804 5.26 -1.30 20.61
C TYR A 804 4.56 -2.45 21.33
N CYS A 805 4.46 -2.40 22.66
CA CYS A 805 3.66 -3.38 23.39
C CYS A 805 2.23 -3.41 22.85
N VAL A 806 1.58 -2.25 22.88
CA VAL A 806 0.19 -2.18 22.45
C VAL A 806 0.08 -2.61 20.98
N ALA A 807 1.03 -2.17 20.16
CA ALA A 807 0.99 -2.51 18.74
C ALA A 807 1.05 -4.02 18.54
N THR A 808 2.04 -4.68 19.16
CA THR A 808 2.21 -6.11 18.96
C THR A 808 1.03 -6.89 19.52
N PHE A 809 0.46 -6.44 20.64
CA PHE A 809 -0.72 -7.14 21.16
C PHE A 809 -1.88 -7.03 20.19
N ILE A 810 -2.18 -5.80 19.73
CA ILE A 810 -3.34 -5.62 18.86
C ILE A 810 -3.17 -6.39 17.56
N LEU A 811 -1.99 -6.29 16.96
CA LEU A 811 -1.76 -6.92 15.67
C LEU A 811 -1.40 -8.40 15.75
N GLY A 812 -1.14 -8.92 16.95
CA GLY A 812 -0.80 -10.32 17.10
C GLY A 812 0.46 -10.69 16.34
N ILE A 813 1.53 -9.92 16.52
CA ILE A 813 2.77 -10.16 15.80
C ILE A 813 3.43 -11.44 16.32
N GLY A 814 4.22 -12.07 15.45
CA GLY A 814 4.82 -13.35 15.75
C GLY A 814 5.73 -13.37 16.97
N ASP A 815 6.44 -14.48 17.15
CA ASP A 815 7.27 -14.71 18.33
C ASP A 815 8.32 -13.61 18.52
N ARG A 816 8.17 -12.82 19.59
CA ARG A 816 9.21 -11.88 19.97
C ARG A 816 10.28 -12.59 20.79
N HIS A 817 11.51 -12.10 20.68
CA HIS A 817 12.61 -12.65 21.47
C HIS A 817 13.73 -11.60 21.50
N ASN A 818 14.90 -12.02 22.00
CA ASN A 818 15.99 -11.09 22.28
C ASN A 818 16.59 -10.47 21.03
N SER A 819 16.33 -11.03 19.84
CA SER A 819 16.85 -10.47 18.61
C SER A 819 15.78 -9.90 17.68
N ASN A 820 14.50 -10.14 17.97
CA ASN A 820 13.43 -9.46 17.23
C ASN A 820 13.29 -8.00 17.65
N ILE A 821 13.80 -7.63 18.82
CA ILE A 821 13.68 -6.29 19.36
C ILE A 821 15.02 -5.59 19.26
N MET A 822 14.98 -4.26 19.11
CA MET A 822 16.19 -3.47 18.95
C MET A 822 16.03 -2.16 19.71
N VAL A 823 17.16 -1.58 20.07
CA VAL A 823 17.23 -0.31 20.80
C VAL A 823 18.34 0.53 20.20
N LYS A 824 18.17 1.85 20.31
CA LYS A 824 19.14 2.82 19.83
C LYS A 824 19.92 3.42 21.00
N ASP A 825 21.00 4.12 20.67
CA ASP A 825 21.87 4.69 21.69
C ASP A 825 21.19 5.77 22.52
N ASP A 826 20.04 6.28 22.10
CA ASP A 826 19.32 7.28 22.87
C ASP A 826 18.11 6.71 23.60
N GLY A 827 17.86 5.40 23.48
CA GLY A 827 16.81 4.74 24.25
C GLY A 827 15.65 4.23 23.43
N GLN A 828 15.51 4.63 22.17
CA GLN A 828 14.35 4.22 21.39
C GLN A 828 14.36 2.72 21.13
N LEU A 829 13.20 2.10 21.30
CA LEU A 829 13.02 0.68 21.08
C LEU A 829 12.07 0.45 19.91
N PHE A 830 12.33 -0.61 19.15
CA PHE A 830 11.48 -0.95 18.01
C PHE A 830 11.66 -2.42 17.69
N HIS A 831 10.90 -2.89 16.69
CA HIS A 831 10.88 -4.29 16.32
C HIS A 831 11.19 -4.45 14.83
N ILE A 832 11.61 -5.65 14.45
CA ILE A 832 11.97 -5.98 13.08
C ILE A 832 11.45 -7.37 12.75
N ASP A 833 11.46 -7.69 11.45
CA ASP A 833 11.12 -9.01 10.93
C ASP A 833 9.80 -9.50 11.50
N PHE A 834 8.70 -9.00 10.93
CA PHE A 834 7.37 -9.38 11.36
C PHE A 834 6.95 -10.61 10.55
N GLY A 835 7.36 -11.77 11.03
CA GLY A 835 7.08 -13.01 10.34
C GLY A 835 5.61 -13.26 10.06
N HIS A 836 4.85 -13.61 11.10
CA HIS A 836 3.42 -13.88 10.97
C HIS A 836 2.65 -13.06 11.98
N PHE A 837 1.57 -12.44 11.54
CA PHE A 837 0.68 -11.68 12.41
C PHE A 837 -0.72 -12.28 12.35
N LEU A 838 -1.52 -11.97 13.37
CA LEU A 838 -2.90 -12.43 13.50
C LEU A 838 -2.99 -13.92 13.85
N ASP A 839 -1.96 -14.47 14.48
CA ASP A 839 -1.98 -15.88 14.87
C ASP A 839 -0.81 -16.20 15.81
N VAL A 852 0.35 -13.79 21.97
CA VAL A 852 -0.56 -12.71 22.34
C VAL A 852 -0.11 -11.85 23.54
N PRO A 853 0.82 -12.34 24.40
CA PRO A 853 1.34 -11.48 25.47
C PRO A 853 2.72 -10.92 25.12
N PHE A 854 3.08 -9.79 25.71
CA PHE A 854 4.40 -9.25 25.41
C PHE A 854 5.47 -9.94 26.25
N VAL A 855 6.70 -9.83 25.77
CA VAL A 855 7.82 -10.39 26.50
C VAL A 855 7.92 -9.76 27.89
N LEU A 856 7.92 -8.43 27.94
CA LEU A 856 7.99 -7.68 29.20
C LEU A 856 9.06 -8.28 30.12
N THR A 857 10.28 -8.33 29.58
CA THR A 857 11.40 -8.90 30.32
C THR A 857 11.66 -8.12 31.60
N GLN A 858 12.31 -8.79 32.55
CA GLN A 858 12.85 -8.07 33.69
C GLN A 858 13.79 -6.96 33.24
N ASP A 859 14.41 -7.11 32.06
CA ASP A 859 15.19 -6.03 31.48
C ASP A 859 14.34 -4.80 31.25
N PHE A 860 13.21 -4.96 30.54
CA PHE A 860 12.36 -3.80 30.27
C PHE A 860 11.86 -3.17 31.57
N LEU A 861 11.34 -4.01 32.48
CA LEU A 861 10.78 -3.48 33.72
C LEU A 861 11.85 -2.78 34.56
N ILE A 862 13.09 -3.26 34.51
CA ILE A 862 14.16 -2.62 35.26
C ILE A 862 14.56 -1.32 34.58
N VAL A 863 14.45 -1.26 33.25
CA VAL A 863 14.74 -0.02 32.54
C VAL A 863 13.70 1.04 32.89
N ILE A 864 12.43 0.64 33.00
CA ILE A 864 11.39 1.59 33.34
C ILE A 864 11.56 2.14 34.75
N SER A 865 12.25 1.40 35.62
CA SER A 865 12.54 1.88 36.97
C SER A 865 14.01 1.69 37.32
N THR A 872 8.33 -2.85 39.78
CA THR A 872 6.95 -3.31 39.61
C THR A 872 5.98 -2.33 40.27
N LYS A 873 6.38 -1.75 41.39
CA LYS A 873 5.55 -0.84 42.17
C LYS A 873 6.26 0.52 42.25
N THR A 874 6.17 1.27 41.16
CA THR A 874 6.74 2.61 41.10
C THR A 874 5.85 3.50 40.26
N ARG A 875 5.95 4.81 40.49
CA ARG A 875 5.18 5.75 39.68
C ARG A 875 5.49 5.60 38.20
N GLU A 876 6.71 5.18 37.87
CA GLU A 876 7.07 4.96 36.47
C GLU A 876 6.17 3.91 35.84
N PHE A 877 5.99 2.77 36.50
CA PHE A 877 5.12 1.74 35.96
C PHE A 877 3.66 2.20 35.93
N GLU A 878 3.26 3.06 36.85
CA GLU A 878 1.90 3.61 36.81
C GLU A 878 1.69 4.43 35.54
N ARG A 879 2.61 5.36 35.27
CA ARG A 879 2.54 6.12 34.03
C ARG A 879 2.61 5.20 32.82
N PHE A 880 3.38 4.11 32.91
CA PHE A 880 3.49 3.17 31.80
C PHE A 880 2.16 2.49 31.51
N GLN A 881 1.50 2.00 32.56
CA GLN A 881 0.19 1.37 32.38
C GLN A 881 -0.83 2.36 31.85
N GLU A 882 -0.76 3.62 32.33
CA GLU A 882 -1.64 4.65 31.80
C GLU A 882 -1.41 4.85 30.31
N MET A 883 -0.14 4.94 29.91
CA MET A 883 0.20 5.04 28.49
C MET A 883 -0.41 3.91 27.69
N CYS A 884 -0.20 2.67 28.17
CA CYS A 884 -0.68 1.51 27.42
C CYS A 884 -2.19 1.52 27.28
N TYR A 885 -2.91 1.83 28.37
CA TYR A 885 -4.37 1.86 28.30
C TYR A 885 -4.86 2.94 27.36
N LYS A 886 -4.27 4.14 27.45
CA LYS A 886 -4.68 5.23 26.57
C LYS A 886 -4.43 4.88 25.11
N ALA A 887 -3.29 4.26 24.81
CA ALA A 887 -3.00 3.88 23.43
C ALA A 887 -3.96 2.80 22.95
N TYR A 888 -4.29 1.84 23.81
CA TYR A 888 -5.25 0.82 23.43
C TYR A 888 -6.60 1.44 23.08
N LEU A 889 -7.06 2.40 23.89
CA LEU A 889 -8.32 3.06 23.59
C LEU A 889 -8.24 3.85 22.28
N ALA A 890 -7.14 4.58 22.09
CA ALA A 890 -6.98 5.38 20.87
C ALA A 890 -7.03 4.48 19.63
N ILE A 891 -6.42 3.31 19.71
CA ILE A 891 -6.43 2.41 18.56
C ILE A 891 -7.79 1.74 18.40
N ARG A 892 -8.47 1.42 19.50
CA ARG A 892 -9.82 0.88 19.40
C ARG A 892 -10.75 1.86 18.71
N GLN A 893 -10.49 3.16 18.85
CA GLN A 893 -11.35 4.15 18.21
C GLN A 893 -11.25 4.13 16.68
N HIS A 894 -10.22 3.52 16.11
CA HIS A 894 -10.03 3.47 14.66
C HIS A 894 -10.04 2.03 14.14
N ALA A 895 -10.83 1.18 14.81
CA ALA A 895 -10.94 -0.21 14.40
C ALA A 895 -11.50 -0.32 12.99
N ASN A 896 -12.44 0.55 12.63
CA ASN A 896 -12.98 0.53 11.27
C ASN A 896 -11.86 0.74 10.25
N LEU A 897 -11.02 1.74 10.48
CA LEU A 897 -9.91 2.02 9.56
C LEU A 897 -9.00 0.81 9.43
N PHE A 898 -8.57 0.24 10.56
CA PHE A 898 -7.62 -0.86 10.48
C PHE A 898 -8.24 -2.10 9.82
N ILE A 899 -9.48 -2.43 10.18
CA ILE A 899 -10.16 -3.57 9.58
C ILE A 899 -10.32 -3.37 8.09
N ASN A 900 -10.63 -2.15 7.65
CA ASN A 900 -10.78 -1.89 6.22
C ASN A 900 -9.45 -2.02 5.50
N LEU A 901 -8.36 -1.56 6.12
CA LEU A 901 -7.04 -1.74 5.52
C LEU A 901 -6.75 -3.21 5.29
N PHE A 902 -7.04 -4.05 6.28
CA PHE A 902 -6.79 -5.48 6.11
C PHE A 902 -7.73 -6.10 5.07
N SER A 903 -9.00 -5.70 5.07
CA SER A 903 -9.93 -6.21 4.07
C SER A 903 -9.51 -5.84 2.66
N MET A 904 -8.83 -4.70 2.50
CA MET A 904 -8.33 -4.32 1.20
C MET A 904 -7.07 -5.09 0.83
N MET A 905 -6.19 -5.34 1.82
CA MET A 905 -5.01 -6.15 1.55
C MET A 905 -5.33 -7.62 1.30
N LEU A 906 -6.55 -8.06 1.64
CA LEU A 906 -6.94 -9.45 1.38
C LEU A 906 -6.56 -9.89 -0.03
N GLY A 907 -6.66 -8.99 -1.02
CA GLY A 907 -6.40 -9.38 -2.39
C GLY A 907 -5.01 -9.95 -2.59
N SER A 908 -4.01 -9.33 -1.97
CA SER A 908 -2.64 -9.81 -2.12
C SER A 908 -2.51 -11.22 -1.52
N GLY A 909 -1.83 -12.10 -2.26
CA GLY A 909 -1.69 -13.48 -1.83
C GLY A 909 -0.77 -13.66 -0.65
N MET A 910 -1.00 -12.92 0.42
CA MET A 910 -0.16 -13.08 1.60
C MET A 910 -0.62 -14.28 2.42
N PRO A 911 0.32 -15.07 2.95
CA PRO A 911 -0.09 -16.30 3.64
C PRO A 911 -0.94 -16.05 4.89
N GLU A 912 -0.46 -15.27 5.86
CA GLU A 912 -1.19 -14.96 7.09
C GLU A 912 -2.44 -14.09 6.89
N LEU A 913 -3.07 -14.08 5.69
CA LEU A 913 -4.17 -13.13 5.38
C LEU A 913 -4.85 -13.68 4.12
N GLN A 914 -5.70 -14.67 4.34
CA GLN A 914 -6.39 -15.37 3.26
C GLN A 914 -7.91 -15.28 3.37
N SER A 915 -8.44 -14.93 4.52
CA SER A 915 -9.89 -14.83 4.65
C SER A 915 -10.24 -13.88 5.79
N PHE A 916 -11.51 -13.45 5.81
CA PHE A 916 -11.96 -12.57 6.87
C PHE A 916 -11.78 -13.17 8.26
N ASP A 917 -11.67 -14.51 8.34
CA ASP A 917 -11.46 -15.15 9.63
C ASP A 917 -10.14 -14.71 10.24
N ASP A 918 -9.10 -14.52 9.42
CA ASP A 918 -7.84 -14.03 9.94
C ASP A 918 -7.97 -12.61 10.48
N ILE A 919 -8.76 -11.78 9.81
CA ILE A 919 -8.96 -10.41 10.27
C ILE A 919 -9.75 -10.37 11.56
N ALA A 920 -10.68 -11.31 11.75
CA ALA A 920 -11.49 -11.33 12.97
C ALA A 920 -10.65 -11.31 14.23
N TYR A 921 -9.36 -11.67 14.14
CA TYR A 921 -8.50 -11.62 15.31
C TYR A 921 -8.42 -10.21 15.89
N ILE A 922 -8.42 -9.20 15.03
CA ILE A 922 -8.38 -7.82 15.51
C ILE A 922 -9.71 -7.45 16.15
N ARG A 923 -10.82 -7.80 15.50
CA ARG A 923 -12.13 -7.60 16.12
C ARG A 923 -12.17 -8.24 17.51
N LYS A 924 -11.41 -9.32 17.70
CA LYS A 924 -11.27 -9.92 19.03
C LYS A 924 -10.46 -9.02 19.95
N THR A 925 -9.19 -8.80 19.61
CA THR A 925 -8.27 -8.13 20.52
C THR A 925 -8.68 -6.69 20.85
N LEU A 926 -9.55 -6.09 20.04
CA LEU A 926 -10.01 -4.73 20.30
C LEU A 926 -11.40 -4.69 20.92
N ALA A 927 -12.02 -5.84 21.15
CA ALA A 927 -13.33 -5.94 21.81
C ALA A 927 -14.33 -4.97 21.18
N LEU A 928 -14.53 -5.16 19.87
CA LEU A 928 -15.46 -4.30 19.14
C LEU A 928 -16.90 -4.51 19.59
N ASP A 929 -17.27 -5.77 19.86
CA ASP A 929 -18.63 -6.07 20.30
C ASP A 929 -18.86 -5.71 21.76
N LYS A 930 -17.80 -5.41 22.52
CA LYS A 930 -17.95 -4.98 23.90
C LYS A 930 -18.00 -3.46 23.97
N THR A 931 -18.14 -2.93 25.19
CA THR A 931 -18.18 -1.50 25.40
C THR A 931 -16.78 -0.97 25.65
N GLU A 932 -16.69 0.34 25.91
CA GLU A 932 -15.38 0.95 26.17
C GLU A 932 -14.79 0.45 27.47
N GLN A 933 -15.55 0.54 28.57
CA GLN A 933 -15.06 0.06 29.85
C GLN A 933 -14.77 -1.44 29.82
N GLU A 934 -15.61 -2.20 29.10
CA GLU A 934 -15.38 -3.63 28.98
C GLU A 934 -14.04 -3.91 28.31
N ALA A 935 -13.76 -3.23 27.19
CA ALA A 935 -12.48 -3.42 26.51
C ALA A 935 -11.32 -2.95 27.36
N LEU A 936 -11.51 -1.90 28.15
CA LEU A 936 -10.45 -1.43 29.05
C LEU A 936 -10.10 -2.52 30.06
N GLU A 937 -11.11 -3.08 30.73
CA GLU A 937 -10.87 -4.17 31.66
C GLU A 937 -10.24 -5.36 30.96
N TYR A 938 -10.69 -5.64 29.74
CA TYR A 938 -10.13 -6.76 28.97
C TYR A 938 -8.64 -6.58 28.76
N PHE A 939 -8.22 -5.40 28.31
CA PHE A 939 -6.80 -5.17 28.07
C PHE A 939 -6.00 -5.15 29.36
N MET A 940 -6.57 -4.60 30.43
CA MET A 940 -5.89 -4.64 31.72
C MET A 940 -5.59 -6.08 32.13
N LYS A 941 -6.62 -6.94 32.06
CA LYS A 941 -6.42 -8.34 32.42
C LYS A 941 -5.44 -9.03 31.48
N GLN A 942 -5.51 -8.72 30.18
CA GLN A 942 -4.63 -9.36 29.22
C GLN A 942 -3.17 -8.98 29.44
N MET A 943 -2.91 -7.74 29.87
CA MET A 943 -1.53 -7.35 30.16
C MET A 943 -1.10 -7.74 31.56
N ASN A 944 -2.03 -8.07 32.45
CA ASN A 944 -1.63 -8.62 33.75
C ASN A 944 -0.93 -9.97 33.58
N ASP A 945 -1.44 -10.81 32.68
CA ASP A 945 -0.85 -12.12 32.45
C ASP A 945 0.62 -12.02 32.06
#